data_2MCR
#
_entry.id   2MCR
#
_entity_poly.entity_id   1
_entity_poly.type   'polypeptide(L)'
_entity_poly.pdbx_seq_one_letter_code
;VCEDLNAHCEMWQQLGHCQYSPKYMGHYCKKACGLC(NH2)
;
_entity_poly.pdbx_strand_id   A
#
# COMPACT_ATOMS: atom_id res chain seq x y z
N VAL A 1 -7.18 4.57 12.47
CA VAL A 1 -7.84 4.69 11.15
C VAL A 1 -7.01 3.97 10.09
N CYS A 2 -7.19 4.32 8.85
CA CYS A 2 -6.41 3.66 7.76
C CYS A 2 -5.51 4.71 7.10
N GLU A 3 -4.24 4.45 7.01
CA GLU A 3 -3.32 5.44 6.36
C GLU A 3 -2.01 4.76 5.99
N ASP A 4 -1.28 5.33 5.07
CA ASP A 4 0.02 4.70 4.67
C ASP A 4 0.97 4.66 5.87
N LEU A 5 1.71 3.58 6.00
CA LEU A 5 2.66 3.47 7.14
C LEU A 5 4.08 3.75 6.63
N ASN A 6 4.34 3.43 5.40
CA ASN A 6 5.70 3.66 4.85
C ASN A 6 5.68 4.90 3.94
N ALA A 7 6.70 5.70 3.98
CA ALA A 7 6.73 6.92 3.12
C ALA A 7 6.84 6.51 1.65
N HIS A 8 7.26 5.29 1.40
CA HIS A 8 7.40 4.82 -0.01
C HIS A 8 6.11 4.10 -0.45
N CYS A 9 5.08 4.16 0.35
CA CYS A 9 3.82 3.48 -0.03
C CYS A 9 3.42 3.89 -1.45
N GLU A 10 3.39 5.16 -1.72
CA GLU A 10 3.01 5.61 -3.09
C GLU A 10 4.02 5.06 -4.09
N MET A 11 5.27 5.04 -3.71
CA MET A 11 6.33 4.52 -4.62
C MET A 11 6.08 3.05 -4.92
N TRP A 12 5.56 2.31 -3.99
CA TRP A 12 5.31 0.86 -4.23
C TRP A 12 3.96 0.65 -4.91
N GLN A 13 2.95 1.35 -4.47
CA GLN A 13 1.60 1.17 -5.09
C GLN A 13 1.63 1.68 -6.53
N GLN A 14 2.38 2.71 -6.80
CA GLN A 14 2.44 3.24 -8.18
C GLN A 14 3.10 2.20 -9.07
N LEU A 15 3.90 1.35 -8.50
CA LEU A 15 4.57 0.28 -9.30
C LEU A 15 3.68 -0.94 -9.36
N GLY A 16 2.59 -0.94 -8.62
CA GLY A 16 1.67 -2.11 -8.65
C GLY A 16 1.98 -3.06 -7.48
N HIS A 17 2.76 -2.64 -6.54
CA HIS A 17 3.08 -3.54 -5.38
C HIS A 17 1.78 -4.03 -4.75
N CYS A 18 0.75 -3.22 -4.78
CA CYS A 18 -0.53 -3.66 -4.19
C CYS A 18 -1.17 -4.67 -5.12
N GLN A 19 -1.09 -4.43 -6.40
CA GLN A 19 -1.65 -5.37 -7.38
C GLN A 19 -0.79 -6.63 -7.41
N TYR A 20 0.48 -6.48 -7.18
CA TYR A 20 1.41 -7.65 -7.21
C TYR A 20 1.66 -8.18 -5.80
N SER A 21 2.01 -7.34 -4.87
CA SER A 21 2.28 -7.82 -3.49
C SER A 21 1.43 -7.06 -2.46
N PRO A 22 0.14 -7.30 -2.47
CA PRO A 22 -0.79 -6.65 -1.51
C PRO A 22 -0.66 -7.21 -0.10
N LYS A 23 -0.04 -8.36 0.03
CA LYS A 23 0.11 -8.99 1.38
C LYS A 23 0.91 -8.07 2.31
N TYR A 24 1.86 -7.35 1.80
CA TYR A 24 2.66 -6.45 2.69
C TYR A 24 2.20 -5.01 2.55
N MET A 25 1.52 -4.69 1.48
CA MET A 25 1.03 -3.30 1.31
C MET A 25 -0.17 -3.08 2.23
N GLY A 26 -1.04 -4.05 2.30
CA GLY A 26 -2.22 -3.91 3.18
C GLY A 26 -1.78 -3.77 4.63
N HIS A 27 -0.63 -4.30 4.95
CA HIS A 27 -0.13 -4.19 6.35
C HIS A 27 0.62 -2.88 6.52
N TYR A 28 0.96 -2.22 5.45
CA TYR A 28 1.71 -0.95 5.56
C TYR A 28 0.93 0.17 4.87
N CYS A 29 0.52 -0.05 3.66
CA CYS A 29 -0.24 1.01 2.93
C CYS A 29 -1.72 0.61 2.85
N LYS A 30 -2.56 1.33 3.51
CA LYS A 30 -4.03 1.00 3.47
C LYS A 30 -4.68 1.73 2.28
N LYS A 31 -4.50 3.04 2.22
CA LYS A 31 -5.09 3.83 1.10
C LYS A 31 -4.46 3.39 -0.21
N ALA A 32 -3.17 3.31 -0.23
CA ALA A 32 -2.45 2.90 -1.47
C ALA A 32 -2.97 1.54 -1.93
N CYS A 33 -3.52 0.77 -1.02
CA CYS A 33 -4.05 -0.56 -1.40
C CYS A 33 -5.57 -0.51 -1.39
N GLY A 34 -6.21 -1.62 -1.58
CA GLY A 34 -7.70 -1.63 -1.58
C GLY A 34 -8.24 -1.62 -0.15
N LEU A 35 -7.54 -1.00 0.78
CA LEU A 35 -8.05 -0.98 2.17
C LEU A 35 -8.70 0.37 2.44
N CYS A 36 -8.29 1.39 1.72
CA CYS A 36 -8.88 2.73 1.93
C CYS A 36 -8.68 3.58 0.68
N VAL A 1 -8.11 3.06 12.30
CA VAL A 1 -7.91 4.06 11.21
C VAL A 1 -7.12 3.43 10.07
N CYS A 2 -7.12 4.04 8.93
CA CYS A 2 -6.37 3.47 7.77
C CYS A 2 -5.51 4.56 7.12
N GLU A 3 -4.23 4.33 6.99
CA GLU A 3 -3.35 5.37 6.36
C GLU A 3 -2.02 4.74 5.95
N ASP A 4 -1.31 5.37 5.04
CA ASP A 4 0.00 4.82 4.61
C ASP A 4 0.95 4.75 5.81
N LEU A 5 1.64 3.65 5.97
CA LEU A 5 2.58 3.54 7.12
C LEU A 5 4.01 3.77 6.63
N ASN A 6 4.28 3.45 5.40
CA ASN A 6 5.65 3.67 4.86
C ASN A 6 5.65 4.90 3.96
N ALA A 7 6.71 5.67 4.00
CA ALA A 7 6.77 6.88 3.15
C ALA A 7 6.89 6.48 1.67
N HIS A 8 7.28 5.26 1.41
CA HIS A 8 7.42 4.82 -0.01
C HIS A 8 6.14 4.11 -0.47
N CYS A 9 5.10 4.17 0.32
CA CYS A 9 3.83 3.50 -0.08
C CYS A 9 3.46 3.92 -1.50
N GLU A 10 3.49 5.19 -1.78
CA GLU A 10 3.15 5.66 -3.16
C GLU A 10 4.15 5.07 -4.15
N MET A 11 5.40 5.02 -3.77
CA MET A 11 6.45 4.46 -4.67
C MET A 11 6.16 2.98 -4.95
N TRP A 12 5.59 2.29 -4.01
CA TRP A 12 5.30 0.84 -4.22
C TRP A 12 3.94 0.65 -4.90
N GLN A 13 2.94 1.38 -4.49
CA GLN A 13 1.59 1.22 -5.11
C GLN A 13 1.63 1.71 -6.55
N GLN A 14 2.39 2.74 -6.81
CA GLN A 14 2.46 3.26 -8.20
C GLN A 14 3.08 2.21 -9.11
N LEU A 15 3.90 1.36 -8.55
CA LEU A 15 4.52 0.28 -9.38
C LEU A 15 3.59 -0.93 -9.39
N GLY A 16 2.54 -0.90 -8.61
CA GLY A 16 1.59 -2.04 -8.58
C GLY A 16 1.92 -3.00 -7.43
N HIS A 17 2.74 -2.59 -6.49
CA HIS A 17 3.08 -3.49 -5.36
C HIS A 17 1.79 -4.00 -4.72
N CYS A 18 0.75 -3.22 -4.76
CA CYS A 18 -0.54 -3.68 -4.17
C CYS A 18 -1.15 -4.71 -5.12
N GLN A 19 -1.05 -4.45 -6.39
CA GLN A 19 -1.60 -5.40 -7.39
C GLN A 19 -0.72 -6.64 -7.43
N TYR A 20 0.55 -6.49 -7.17
CA TYR A 20 1.48 -7.65 -7.21
C TYR A 20 1.72 -8.19 -5.80
N SER A 21 2.00 -7.34 -4.84
CA SER A 21 2.25 -7.85 -3.46
C SER A 21 1.40 -7.09 -2.44
N PRO A 22 0.12 -7.32 -2.44
CA PRO A 22 -0.80 -6.64 -1.48
C PRO A 22 -0.65 -7.22 -0.07
N LYS A 23 -0.08 -8.38 0.04
CA LYS A 23 0.09 -9.02 1.38
C LYS A 23 0.89 -8.11 2.31
N TYR A 24 1.84 -7.37 1.80
CA TYR A 24 2.65 -6.50 2.68
C TYR A 24 2.18 -5.04 2.55
N MET A 25 1.50 -4.72 1.48
CA MET A 25 1.02 -3.33 1.32
C MET A 25 -0.18 -3.11 2.26
N GLY A 26 -1.04 -4.08 2.33
CA GLY A 26 -2.23 -3.94 3.21
C GLY A 26 -1.77 -3.78 4.66
N HIS A 27 -0.60 -4.28 4.98
CA HIS A 27 -0.09 -4.18 6.37
C HIS A 27 0.65 -2.85 6.55
N TYR A 28 0.96 -2.17 5.47
CA TYR A 28 1.69 -0.89 5.58
C TYR A 28 0.89 0.21 4.89
N CYS A 29 0.52 -0.01 3.65
CA CYS A 29 -0.26 1.03 2.93
C CYS A 29 -1.73 0.62 2.83
N LYS A 30 -2.59 1.33 3.49
CA LYS A 30 -4.03 0.98 3.44
C LYS A 30 -4.69 1.72 2.26
N LYS A 31 -4.54 3.02 2.22
CA LYS A 31 -5.12 3.83 1.11
C LYS A 31 -4.49 3.40 -0.21
N ALA A 32 -3.19 3.32 -0.23
CA ALA A 32 -2.49 2.91 -1.47
C ALA A 32 -3.00 1.55 -1.92
N CYS A 33 -3.54 0.78 -1.01
CA CYS A 33 -4.08 -0.54 -1.39
C CYS A 33 -5.60 -0.48 -1.37
N GLY A 34 -6.26 -1.58 -1.58
CA GLY A 34 -7.75 -1.57 -1.58
C GLY A 34 -8.27 -1.54 -0.14
N LEU A 35 -7.52 -0.99 0.79
CA LEU A 35 -8.04 -0.95 2.19
C LEU A 35 -8.69 0.40 2.46
N CYS A 36 -8.29 1.41 1.73
CA CYS A 36 -8.88 2.74 1.96
C CYS A 36 -8.68 3.61 0.71
N VAL A 1 -8.55 3.67 11.41
CA VAL A 1 -8.30 4.66 10.32
C VAL A 1 -7.30 4.06 9.32
N CYS A 2 -7.45 4.36 8.07
CA CYS A 2 -6.52 3.81 7.05
C CYS A 2 -5.53 4.90 6.62
N GLU A 3 -4.26 4.59 6.61
CA GLU A 3 -3.25 5.59 6.19
C GLU A 3 -1.94 4.89 5.83
N ASP A 4 -1.14 5.50 5.00
CA ASP A 4 0.14 4.85 4.61
C ASP A 4 1.08 4.79 5.82
N LEU A 5 1.82 3.73 5.94
CA LEU A 5 2.77 3.61 7.09
C LEU A 5 4.20 3.79 6.60
N ASN A 6 4.46 3.47 5.35
CA ASN A 6 5.83 3.62 4.81
C ASN A 6 5.91 4.87 3.93
N ALA A 7 7.00 5.59 3.98
CA ALA A 7 7.12 6.80 3.13
C ALA A 7 7.10 6.40 1.66
N HIS A 8 7.51 5.19 1.36
CA HIS A 8 7.53 4.73 -0.04
C HIS A 8 6.22 3.99 -0.35
N CYS A 9 5.22 4.17 0.46
CA CYS A 9 3.91 3.50 0.22
C CYS A 9 3.42 3.83 -1.18
N GLU A 10 3.27 5.09 -1.48
CA GLU A 10 2.80 5.50 -2.82
C GLU A 10 3.82 5.05 -3.87
N MET A 11 5.08 5.08 -3.51
CA MET A 11 6.13 4.64 -4.47
C MET A 11 5.93 3.17 -4.81
N TRP A 12 5.40 2.41 -3.89
CA TRP A 12 5.20 0.95 -4.14
C TRP A 12 3.86 0.71 -4.84
N GLN A 13 2.83 1.38 -4.43
CA GLN A 13 1.50 1.17 -5.07
C GLN A 13 1.54 1.66 -6.52
N GLN A 14 2.25 2.72 -6.77
CA GLN A 14 2.34 3.23 -8.15
C GLN A 14 2.99 2.18 -9.05
N LEU A 15 3.87 1.39 -8.50
CA LEU A 15 4.53 0.33 -9.30
C LEU A 15 3.63 -0.91 -9.35
N GLY A 16 2.56 -0.90 -8.60
CA GLY A 16 1.63 -2.06 -8.61
C GLY A 16 1.92 -3.00 -7.43
N HIS A 17 2.73 -2.58 -6.49
CA HIS A 17 3.03 -3.47 -5.33
C HIS A 17 1.73 -3.98 -4.71
N CYS A 18 0.69 -3.20 -4.74
CA CYS A 18 -0.59 -3.67 -4.16
C CYS A 18 -1.21 -4.66 -5.13
N GLN A 19 -1.12 -4.38 -6.39
CA GLN A 19 -1.68 -5.30 -7.41
C GLN A 19 -0.82 -6.56 -7.44
N TYR A 20 0.45 -6.42 -7.19
CA TYR A 20 1.36 -7.61 -7.22
C TYR A 20 1.59 -8.16 -5.81
N SER A 21 1.91 -7.32 -4.86
CA SER A 21 2.17 -7.83 -3.48
C SER A 21 1.34 -7.06 -2.44
N PRO A 22 0.05 -7.27 -2.44
CA PRO A 22 -0.86 -6.61 -1.47
C PRO A 22 -0.73 -7.20 -0.06
N LYS A 23 -0.13 -8.35 0.04
CA LYS A 23 0.03 -9.00 1.38
C LYS A 23 0.90 -8.13 2.29
N TYR A 24 1.85 -7.42 1.73
CA TYR A 24 2.73 -6.56 2.57
C TYR A 24 2.31 -5.10 2.47
N MET A 25 1.54 -4.76 1.47
CA MET A 25 1.07 -3.34 1.34
C MET A 25 -0.09 -3.11 2.30
N GLY A 26 -0.97 -4.07 2.40
CA GLY A 26 -2.13 -3.93 3.30
C GLY A 26 -1.65 -3.79 4.75
N HIS A 27 -0.49 -4.31 5.04
CA HIS A 27 0.04 -4.21 6.41
C HIS A 27 0.80 -2.89 6.58
N TYR A 28 1.05 -2.20 5.50
CA TYR A 28 1.80 -0.91 5.60
C TYR A 28 1.01 0.20 4.91
N CYS A 29 0.55 -0.04 3.72
CA CYS A 29 -0.22 1.02 3.01
C CYS A 29 -1.70 0.62 2.93
N LYS A 30 -2.55 1.34 3.60
CA LYS A 30 -4.01 1.01 3.55
C LYS A 30 -4.64 1.74 2.37
N LYS A 31 -4.48 3.03 2.31
CA LYS A 31 -5.07 3.82 1.20
C LYS A 31 -4.44 3.41 -0.12
N ALA A 32 -3.14 3.31 -0.13
CA ALA A 32 -2.43 2.92 -1.38
C ALA A 32 -2.93 1.55 -1.85
N CYS A 33 -3.54 0.80 -0.97
CA CYS A 33 -4.06 -0.54 -1.37
C CYS A 33 -5.59 -0.47 -1.41
N GLY A 34 -6.24 -1.58 -1.68
CA GLY A 34 -7.73 -1.56 -1.75
C GLY A 34 -8.33 -1.52 -0.35
N LEU A 35 -7.53 -1.35 0.65
CA LEU A 35 -8.06 -1.31 2.04
C LEU A 35 -8.84 -0.01 2.24
N CYS A 36 -8.38 1.07 1.66
CA CYS A 36 -9.08 2.37 1.84
C CYS A 36 -8.79 3.27 0.65
N VAL A 1 -8.95 3.10 11.69
CA VAL A 1 -8.18 4.15 10.96
C VAL A 1 -7.34 3.49 9.86
N CYS A 2 -7.23 4.13 8.73
CA CYS A 2 -6.42 3.55 7.62
C CYS A 2 -5.52 4.63 7.04
N GLU A 3 -4.23 4.38 6.95
CA GLU A 3 -3.31 5.41 6.40
C GLU A 3 -1.99 4.76 6.00
N ASP A 4 -1.25 5.38 5.13
CA ASP A 4 0.06 4.79 4.70
C ASP A 4 1.01 4.72 5.89
N LEU A 5 1.78 3.66 5.97
CA LEU A 5 2.72 3.52 7.11
C LEU A 5 4.15 3.73 6.61
N ASN A 6 4.41 3.44 5.37
CA ASN A 6 5.78 3.64 4.82
C ASN A 6 5.83 4.90 3.96
N ALA A 7 6.92 5.62 3.99
CA ALA A 7 7.02 6.85 3.15
C ALA A 7 7.04 6.46 1.68
N HIS A 8 7.45 5.26 1.37
CA HIS A 8 7.47 4.81 -0.05
C HIS A 8 6.17 4.07 -0.37
N CYS A 9 5.18 4.24 0.47
CA CYS A 9 3.87 3.55 0.22
C CYS A 9 3.39 3.87 -1.19
N GLU A 10 3.24 5.12 -1.50
CA GLU A 10 2.76 5.51 -2.86
C GLU A 10 3.79 5.05 -3.90
N MET A 11 5.04 5.08 -3.57
CA MET A 11 6.08 4.65 -4.55
C MET A 11 5.89 3.17 -4.86
N TRP A 12 5.43 2.40 -3.92
CA TRP A 12 5.24 0.94 -4.16
C TRP A 12 3.90 0.69 -4.85
N GLN A 13 2.86 1.38 -4.45
CA GLN A 13 1.53 1.16 -5.08
C GLN A 13 1.56 1.64 -6.52
N GLN A 14 2.28 2.69 -6.81
CA GLN A 14 2.33 3.19 -8.21
C GLN A 14 3.00 2.12 -9.08
N LEU A 15 3.85 1.32 -8.51
CA LEU A 15 4.52 0.25 -9.29
C LEU A 15 3.61 -0.99 -9.33
N GLY A 16 2.53 -0.97 -8.58
CA GLY A 16 1.60 -2.14 -8.59
C GLY A 16 1.90 -3.09 -7.42
N HIS A 17 2.64 -2.65 -6.43
CA HIS A 17 2.93 -3.56 -5.28
C HIS A 17 1.62 -4.08 -4.68
N CYS A 18 0.59 -3.31 -4.70
CA CYS A 18 -0.71 -3.79 -4.15
C CYS A 18 -1.29 -4.81 -5.11
N GLN A 19 -1.17 -4.54 -6.38
CA GLN A 19 -1.70 -5.48 -7.40
C GLN A 19 -0.82 -6.73 -7.41
N TYR A 20 0.45 -6.56 -7.17
CA TYR A 20 1.40 -7.71 -7.19
C TYR A 20 1.65 -8.24 -5.77
N SER A 21 2.01 -7.39 -4.86
CA SER A 21 2.29 -7.87 -3.47
C SER A 21 1.47 -7.09 -2.44
N PRO A 22 0.18 -7.31 -2.42
CA PRO A 22 -0.73 -6.65 -1.44
C PRO A 22 -0.55 -7.21 -0.03
N LYS A 23 0.08 -8.34 0.08
CA LYS A 23 0.30 -8.96 1.42
C LYS A 23 1.09 -8.01 2.32
N TYR A 24 1.99 -7.25 1.77
CA TYR A 24 2.79 -6.32 2.61
C TYR A 24 2.28 -4.89 2.46
N MET A 25 1.54 -4.61 1.42
CA MET A 25 1.00 -3.24 1.26
C MET A 25 -0.17 -3.05 2.21
N GLY A 26 -1.03 -4.02 2.28
CA GLY A 26 -2.21 -3.92 3.19
C GLY A 26 -1.73 -3.81 4.64
N HIS A 27 -0.56 -4.31 4.91
CA HIS A 27 -0.04 -4.24 6.30
C HIS A 27 0.72 -2.92 6.50
N TYR A 28 1.03 -2.23 5.44
CA TYR A 28 1.76 -0.95 5.56
C TYR A 28 0.97 0.17 4.88
N CYS A 29 0.57 -0.04 3.67
CA CYS A 29 -0.20 1.02 2.96
C CYS A 29 -1.67 0.63 2.87
N LYS A 30 -2.53 1.34 3.55
CA LYS A 30 -3.98 1.01 3.49
C LYS A 30 -4.62 1.77 2.32
N LYS A 31 -4.46 3.07 2.29
CA LYS A 31 -5.05 3.86 1.18
C LYS A 31 -4.42 3.44 -0.15
N ALA A 32 -3.11 3.35 -0.16
CA ALA A 32 -2.42 2.95 -1.41
C ALA A 32 -2.95 1.60 -1.87
N CYS A 33 -3.56 0.85 -0.97
CA CYS A 33 -4.11 -0.47 -1.36
C CYS A 33 -5.63 -0.38 -1.38
N GLY A 34 -6.30 -1.43 -1.80
CA GLY A 34 -7.78 -1.41 -1.87
C GLY A 34 -8.36 -1.31 -0.46
N LEU A 35 -7.54 -1.14 0.53
CA LEU A 35 -8.07 -1.03 1.91
C LEU A 35 -8.71 0.34 2.11
N CYS A 36 -8.22 1.35 1.42
CA CYS A 36 -8.81 2.70 1.57
C CYS A 36 -8.63 3.48 0.25
N VAL A 1 -9.43 3.89 10.46
CA VAL A 1 -8.12 4.59 10.52
C VAL A 1 -7.18 3.99 9.47
N CYS A 2 -7.37 4.30 8.23
CA CYS A 2 -6.48 3.75 7.17
C CYS A 2 -5.48 4.82 6.73
N GLU A 3 -4.22 4.49 6.68
CA GLU A 3 -3.22 5.50 6.24
C GLU A 3 -1.92 4.80 5.84
N ASP A 4 -1.12 5.42 5.04
CA ASP A 4 0.14 4.78 4.60
C ASP A 4 1.12 4.69 5.78
N LEU A 5 1.71 3.56 5.99
CA LEU A 5 2.67 3.41 7.12
C LEU A 5 4.10 3.62 6.61
N ASN A 6 4.32 3.37 5.36
CA ASN A 6 5.69 3.56 4.80
C ASN A 6 5.72 4.84 3.97
N ALA A 7 6.79 5.58 4.03
CA ALA A 7 6.89 6.83 3.24
C ALA A 7 6.98 6.47 1.75
N HIS A 8 7.32 5.25 1.45
CA HIS A 8 7.45 4.83 0.02
C HIS A 8 6.17 4.12 -0.43
N CYS A 9 5.13 4.17 0.35
CA CYS A 9 3.86 3.48 -0.04
C CYS A 9 3.47 3.90 -1.45
N GLU A 10 3.40 5.17 -1.73
CA GLU A 10 3.01 5.60 -3.10
C GLU A 10 4.03 5.05 -4.08
N MET A 11 5.29 5.04 -3.70
CA MET A 11 6.35 4.51 -4.60
C MET A 11 6.09 3.03 -4.89
N TRP A 12 5.53 2.33 -3.96
CA TRP A 12 5.27 0.88 -4.17
C TRP A 12 3.92 0.67 -4.85
N GLN A 13 2.91 1.38 -4.42
CA GLN A 13 1.56 1.20 -5.05
C GLN A 13 1.59 1.70 -6.49
N GLN A 14 2.36 2.72 -6.75
CA GLN A 14 2.43 3.25 -8.13
C GLN A 14 3.08 2.18 -9.02
N LEU A 15 3.92 1.36 -8.45
CA LEU A 15 4.58 0.29 -9.26
C LEU A 15 3.65 -0.94 -9.31
N GLY A 16 2.57 -0.90 -8.58
CA GLY A 16 1.62 -2.07 -8.60
C GLY A 16 1.90 -3.02 -7.44
N HIS A 17 2.73 -2.65 -6.50
CA HIS A 17 3.02 -3.55 -5.34
C HIS A 17 1.70 -4.06 -4.75
N CYS A 18 0.65 -3.29 -4.80
CA CYS A 18 -0.63 -3.76 -4.23
C CYS A 18 -1.23 -4.78 -5.20
N GLN A 19 -1.14 -4.50 -6.47
CA GLN A 19 -1.67 -5.44 -7.49
C GLN A 19 -0.82 -6.71 -7.49
N TYR A 20 0.45 -6.56 -7.20
CA TYR A 20 1.36 -7.74 -7.22
C TYR A 20 1.66 -8.23 -5.80
N SER A 21 1.97 -7.35 -4.89
CA SER A 21 2.29 -7.80 -3.50
C SER A 21 1.46 -7.04 -2.47
N PRO A 22 0.18 -7.29 -2.43
CA PRO A 22 -0.73 -6.64 -1.45
C PRO A 22 -0.54 -7.18 -0.03
N LYS A 23 0.11 -8.32 0.08
CA LYS A 23 0.35 -8.92 1.42
C LYS A 23 1.15 -7.97 2.31
N TYR A 24 2.05 -7.21 1.74
CA TYR A 24 2.87 -6.27 2.56
C TYR A 24 2.34 -4.85 2.43
N MET A 25 1.54 -4.58 1.44
CA MET A 25 1.00 -3.20 1.27
C MET A 25 -0.20 -3.03 2.21
N GLY A 26 -1.06 -3.99 2.24
CA GLY A 26 -2.26 -3.90 3.13
C GLY A 26 -1.80 -3.81 4.58
N HIS A 27 -0.64 -4.33 4.88
CA HIS A 27 -0.14 -4.28 6.28
C HIS A 27 0.63 -2.99 6.49
N TYR A 28 0.93 -2.29 5.44
CA TYR A 28 1.68 -1.01 5.58
C TYR A 28 0.90 0.12 4.93
N CYS A 29 0.45 -0.06 3.72
CA CYS A 29 -0.31 1.01 3.05
C CYS A 29 -1.78 0.60 2.94
N LYS A 30 -2.65 1.28 3.64
CA LYS A 30 -4.10 0.94 3.57
C LYS A 30 -4.75 1.69 2.40
N LYS A 31 -4.56 2.98 2.36
CA LYS A 31 -5.15 3.80 1.26
C LYS A 31 -4.50 3.39 -0.06
N ALA A 32 -3.20 3.34 -0.09
CA ALA A 32 -2.49 2.97 -1.35
C ALA A 32 -3.01 1.61 -1.82
N CYS A 33 -3.55 0.83 -0.93
CA CYS A 33 -4.07 -0.49 -1.33
C CYS A 33 -5.60 -0.44 -1.32
N GLY A 34 -6.25 -1.54 -1.54
CA GLY A 34 -7.73 -1.53 -1.55
C GLY A 34 -8.28 -1.55 -0.13
N LEU A 35 -7.55 -1.02 0.83
CA LEU A 35 -8.08 -1.04 2.23
C LEU A 35 -8.78 0.29 2.49
N CYS A 36 -8.44 1.31 1.77
CA CYS A 36 -9.09 2.62 1.98
C CYS A 36 -8.78 3.55 0.80
N VAL A 1 -6.61 5.27 12.49
CA VAL A 1 -7.49 5.03 11.31
C VAL A 1 -6.70 4.26 10.24
N CYS A 2 -6.95 4.55 8.99
CA CYS A 2 -6.23 3.84 7.91
C CYS A 2 -5.31 4.84 7.18
N GLU A 3 -4.05 4.53 7.06
CA GLU A 3 -3.13 5.47 6.36
C GLU A 3 -1.85 4.73 5.97
N ASP A 4 -1.12 5.25 5.03
CA ASP A 4 0.14 4.56 4.61
C ASP A 4 1.16 4.56 5.75
N LEU A 5 1.60 3.40 6.15
CA LEU A 5 2.60 3.31 7.25
C LEU A 5 3.96 3.76 6.74
N ASN A 6 4.27 3.43 5.51
CA ASN A 6 5.59 3.83 4.92
C ASN A 6 5.39 5.02 3.98
N ALA A 7 6.33 5.93 3.96
CA ALA A 7 6.19 7.10 3.04
C ALA A 7 6.45 6.64 1.60
N HIS A 8 6.98 5.46 1.44
CA HIS A 8 7.26 4.94 0.07
C HIS A 8 6.04 4.18 -0.43
N CYS A 9 4.99 4.15 0.33
CA CYS A 9 3.77 3.42 -0.10
C CYS A 9 3.40 3.84 -1.53
N GLU A 10 3.41 5.11 -1.81
CA GLU A 10 3.07 5.55 -3.18
C GLU A 10 4.13 5.01 -4.14
N MET A 11 5.37 4.99 -3.71
CA MET A 11 6.46 4.46 -4.58
C MET A 11 6.20 2.98 -4.87
N TRP A 12 5.60 2.28 -3.94
CA TRP A 12 5.33 0.83 -4.16
C TRP A 12 3.99 0.61 -4.87
N GLN A 13 2.97 1.31 -4.46
CA GLN A 13 1.64 1.13 -5.11
C GLN A 13 1.70 1.61 -6.56
N GLN A 14 2.46 2.65 -6.80
CA GLN A 14 2.57 3.17 -8.18
C GLN A 14 3.20 2.10 -9.07
N LEU A 15 4.02 1.26 -8.49
CA LEU A 15 4.65 0.18 -9.29
C LEU A 15 3.72 -1.04 -9.32
N GLY A 16 2.65 -1.00 -8.57
CA GLY A 16 1.69 -2.15 -8.56
C GLY A 16 1.96 -3.08 -7.38
N HIS A 17 2.75 -2.69 -6.43
CA HIS A 17 3.03 -3.58 -5.27
C HIS A 17 1.71 -4.06 -4.67
N CYS A 18 0.66 -3.27 -4.76
CA CYS A 18 -0.64 -3.72 -4.20
C CYS A 18 -1.24 -4.74 -5.16
N GLN A 19 -1.09 -4.49 -6.43
CA GLN A 19 -1.63 -5.44 -7.44
C GLN A 19 -0.73 -6.67 -7.50
N TYR A 20 0.53 -6.51 -7.22
CA TYR A 20 1.47 -7.65 -7.28
C TYR A 20 1.77 -8.20 -5.88
N SER A 21 2.08 -7.34 -4.94
CA SER A 21 2.39 -7.84 -3.57
C SER A 21 1.55 -7.10 -2.52
N PRO A 22 0.27 -7.37 -2.49
CA PRO A 22 -0.66 -6.73 -1.52
C PRO A 22 -0.48 -7.30 -0.10
N LYS A 23 0.18 -8.42 0.00
CA LYS A 23 0.39 -9.04 1.34
C LYS A 23 1.13 -8.08 2.27
N TYR A 24 2.02 -7.28 1.75
CA TYR A 24 2.77 -6.35 2.62
C TYR A 24 2.24 -4.91 2.46
N MET A 25 1.51 -4.67 1.41
CA MET A 25 0.96 -3.29 1.21
C MET A 25 -0.25 -3.11 2.13
N GLY A 26 -1.12 -4.09 2.17
CA GLY A 26 -2.32 -3.97 3.04
C GLY A 26 -1.89 -3.85 4.49
N HIS A 27 -0.73 -4.37 4.81
CA HIS A 27 -0.24 -4.30 6.21
C HIS A 27 0.56 -3.01 6.42
N TYR A 28 0.88 -2.33 5.35
CA TYR A 28 1.67 -1.07 5.48
C TYR A 28 0.91 0.07 4.81
N CYS A 29 0.45 -0.14 3.60
CA CYS A 29 -0.28 0.92 2.89
C CYS A 29 -1.77 0.57 2.82
N LYS A 30 -2.59 1.31 3.51
CA LYS A 30 -4.05 1.02 3.48
C LYS A 30 -4.70 1.77 2.30
N LYS A 31 -4.50 3.06 2.27
CA LYS A 31 -5.09 3.89 1.17
C LYS A 31 -4.49 3.45 -0.17
N ALA A 32 -3.18 3.35 -0.21
CA ALA A 32 -2.51 2.93 -1.47
C ALA A 32 -3.06 1.59 -1.92
N CYS A 33 -3.59 0.83 -1.01
CA CYS A 33 -4.16 -0.49 -1.40
C CYS A 33 -5.68 -0.39 -1.33
N GLY A 34 -6.36 -1.47 -1.55
CA GLY A 34 -7.85 -1.42 -1.51
C GLY A 34 -8.35 -1.42 -0.07
N LEU A 35 -7.60 -0.87 0.85
CA LEU A 35 -8.07 -0.87 2.27
C LEU A 35 -8.69 0.50 2.58
N CYS A 36 -8.29 1.51 1.86
CA CYS A 36 -8.85 2.87 2.10
C CYS A 36 -8.66 3.72 0.85
N VAL A 1 -8.52 2.67 11.91
CA VAL A 1 -8.03 3.76 11.04
C VAL A 1 -7.20 3.16 9.89
N CYS A 2 -7.20 3.81 8.76
CA CYS A 2 -6.41 3.28 7.61
C CYS A 2 -5.51 4.40 7.06
N GLU A 3 -4.23 4.15 6.96
CA GLU A 3 -3.31 5.21 6.44
C GLU A 3 -1.97 4.59 6.02
N ASP A 4 -1.24 5.28 5.19
CA ASP A 4 0.07 4.75 4.74
C ASP A 4 1.03 4.62 5.93
N LEU A 5 1.84 3.61 5.94
CA LEU A 5 2.81 3.44 7.06
C LEU A 5 4.21 3.79 6.57
N ASN A 6 4.50 3.48 5.33
CA ASN A 6 5.83 3.79 4.77
C ASN A 6 5.73 5.01 3.85
N ALA A 7 6.69 5.88 3.89
CA ALA A 7 6.65 7.08 3.00
C ALA A 7 6.77 6.63 1.55
N HIS A 8 7.23 5.42 1.33
CA HIS A 8 7.36 4.92 -0.07
C HIS A 8 6.09 4.20 -0.48
N CYS A 9 5.06 4.29 0.33
CA CYS A 9 3.78 3.60 -0.02
C CYS A 9 3.36 3.99 -1.44
N GLU A 10 3.41 5.25 -1.77
CA GLU A 10 3.02 5.66 -3.15
C GLU A 10 4.05 5.11 -4.13
N MET A 11 5.30 5.11 -3.76
CA MET A 11 6.36 4.59 -4.66
C MET A 11 6.09 3.11 -4.96
N TRP A 12 5.52 2.41 -4.02
CA TRP A 12 5.26 0.96 -4.24
C TRP A 12 3.91 0.75 -4.93
N GLN A 13 2.88 1.42 -4.50
CA GLN A 13 1.57 1.23 -5.14
C GLN A 13 1.64 1.70 -6.59
N GLN A 14 2.39 2.73 -6.85
CA GLN A 14 2.52 3.23 -8.23
C GLN A 14 3.19 2.14 -9.08
N LEU A 15 4.00 1.31 -8.45
CA LEU A 15 4.67 0.22 -9.21
C LEU A 15 3.75 -0.99 -9.24
N GLY A 16 2.70 -0.98 -8.46
CA GLY A 16 1.74 -2.12 -8.45
C GLY A 16 2.02 -3.06 -7.27
N HIS A 17 2.80 -2.63 -6.32
CA HIS A 17 3.09 -3.52 -5.15
C HIS A 17 1.77 -3.95 -4.50
N CYS A 18 0.74 -3.16 -4.63
CA CYS A 18 -0.56 -3.54 -4.01
C CYS A 18 -1.23 -4.55 -4.93
N GLN A 19 -1.15 -4.33 -6.21
CA GLN A 19 -1.74 -5.27 -7.18
C GLN A 19 -0.92 -6.56 -7.20
N TYR A 20 0.36 -6.44 -7.00
CA TYR A 20 1.24 -7.64 -7.02
C TYR A 20 1.60 -8.08 -5.60
N SER A 21 1.75 -7.16 -4.68
CA SER A 21 2.12 -7.57 -3.29
C SER A 21 1.16 -6.92 -2.28
N PRO A 22 -0.06 -7.35 -2.27
CA PRO A 22 -1.09 -6.83 -1.32
C PRO A 22 -0.87 -7.38 0.09
N LYS A 23 -0.23 -8.51 0.18
CA LYS A 23 0.04 -9.14 1.51
C LYS A 23 0.92 -8.21 2.36
N TYR A 24 1.80 -7.47 1.74
CA TYR A 24 2.70 -6.59 2.55
C TYR A 24 2.27 -5.13 2.40
N MET A 25 1.53 -4.80 1.38
CA MET A 25 1.07 -3.39 1.24
C MET A 25 -0.11 -3.16 2.19
N GLY A 26 -0.98 -4.12 2.30
CA GLY A 26 -2.15 -3.96 3.21
C GLY A 26 -1.65 -3.81 4.65
N HIS A 27 -0.50 -4.37 4.94
CA HIS A 27 0.04 -4.27 6.32
C HIS A 27 0.82 -2.96 6.47
N TYR A 28 1.07 -2.29 5.37
CA TYR A 28 1.84 -1.02 5.44
C TYR A 28 1.04 0.11 4.80
N CYS A 29 0.60 -0.09 3.59
CA CYS A 29 -0.17 0.97 2.91
C CYS A 29 -1.64 0.58 2.79
N LYS A 30 -2.51 1.27 3.49
CA LYS A 30 -3.96 0.94 3.42
C LYS A 30 -4.61 1.71 2.28
N LYS A 31 -4.47 3.01 2.27
CA LYS A 31 -5.08 3.82 1.19
C LYS A 31 -4.46 3.42 -0.14
N ALA A 32 -3.16 3.34 -0.17
CA ALA A 32 -2.46 2.94 -1.41
C ALA A 32 -3.00 1.60 -1.88
N CYS A 33 -3.59 0.85 -0.99
CA CYS A 33 -4.15 -0.47 -1.38
C CYS A 33 -5.69 -0.37 -1.40
N GLY A 34 -6.35 -1.40 -1.81
CA GLY A 34 -7.84 -1.35 -1.86
C GLY A 34 -8.41 -1.29 -0.45
N LEU A 35 -7.57 -1.13 0.52
CA LEU A 35 -8.08 -1.05 1.92
C LEU A 35 -8.70 0.32 2.13
N CYS A 36 -8.21 1.33 1.45
CA CYS A 36 -8.80 2.69 1.63
C CYS A 36 -8.59 3.52 0.35
N VAL A 1 -6.82 4.95 12.33
CA VAL A 1 -7.73 4.54 11.22
C VAL A 1 -6.93 3.84 10.13
N CYS A 2 -7.01 4.32 8.91
CA CYS A 2 -6.26 3.68 7.80
C CYS A 2 -5.33 4.72 7.15
N GLU A 3 -4.07 4.44 7.03
CA GLU A 3 -3.14 5.42 6.40
C GLU A 3 -1.84 4.72 5.99
N ASP A 4 -1.11 5.30 5.07
CA ASP A 4 0.15 4.67 4.62
C ASP A 4 1.17 4.62 5.77
N LEU A 5 1.65 3.45 6.10
CA LEU A 5 2.66 3.33 7.19
C LEU A 5 4.03 3.77 6.67
N ASN A 6 4.34 3.43 5.45
CA ASN A 6 5.65 3.81 4.89
C ASN A 6 5.47 4.99 3.94
N ALA A 7 6.34 5.96 3.99
CA ALA A 7 6.22 7.13 3.09
C ALA A 7 6.41 6.68 1.63
N HIS A 8 7.08 5.58 1.42
CA HIS A 8 7.30 5.08 0.04
C HIS A 8 6.07 4.29 -0.43
N CYS A 9 5.01 4.32 0.33
CA CYS A 9 3.79 3.58 -0.08
C CYS A 9 3.41 3.95 -1.51
N GLU A 10 3.44 5.22 -1.82
CA GLU A 10 3.10 5.64 -3.21
C GLU A 10 4.13 5.04 -4.18
N MET A 11 5.37 5.01 -3.77
CA MET A 11 6.44 4.45 -4.63
C MET A 11 6.15 2.97 -4.90
N TRP A 12 5.58 2.28 -3.95
CA TRP A 12 5.30 0.83 -4.14
C TRP A 12 3.94 0.63 -4.83
N GLN A 13 2.94 1.37 -4.45
CA GLN A 13 1.60 1.19 -5.09
C GLN A 13 1.66 1.67 -6.54
N GLN A 14 2.43 2.69 -6.81
CA GLN A 14 2.52 3.20 -8.20
C GLN A 14 3.14 2.10 -9.08
N LEU A 15 3.98 1.28 -8.50
CA LEU A 15 4.60 0.19 -9.28
C LEU A 15 3.67 -1.02 -9.27
N GLY A 16 2.62 -0.97 -8.51
CA GLY A 16 1.65 -2.10 -8.48
C GLY A 16 1.98 -3.05 -7.32
N HIS A 17 2.80 -2.65 -6.39
CA HIS A 17 3.10 -3.55 -5.24
C HIS A 17 1.79 -4.07 -4.64
N CYS A 18 0.74 -3.28 -4.74
CA CYS A 18 -0.57 -3.73 -4.19
C CYS A 18 -1.15 -4.75 -5.16
N GLN A 19 -1.00 -4.50 -6.42
CA GLN A 19 -1.53 -5.43 -7.44
C GLN A 19 -0.64 -6.68 -7.47
N TYR A 20 0.62 -6.53 -7.20
CA TYR A 20 1.55 -7.69 -7.23
C TYR A 20 1.80 -8.24 -5.83
N SER A 21 2.02 -7.39 -4.86
CA SER A 21 2.30 -7.88 -3.48
C SER A 21 1.42 -7.14 -2.47
N PRO A 22 0.14 -7.39 -2.47
CA PRO A 22 -0.82 -6.75 -1.53
C PRO A 22 -0.67 -7.30 -0.11
N LYS A 23 -0.09 -8.46 0.02
CA LYS A 23 0.09 -9.08 1.36
C LYS A 23 0.91 -8.16 2.26
N TYR A 24 1.81 -7.40 1.71
CA TYR A 24 2.64 -6.51 2.57
C TYR A 24 2.18 -5.06 2.42
N MET A 25 1.45 -4.75 1.38
CA MET A 25 0.96 -3.35 1.22
C MET A 25 -0.24 -3.14 2.14
N GLY A 26 -1.11 -4.10 2.21
CA GLY A 26 -2.30 -3.96 3.08
C GLY A 26 -1.84 -3.83 4.54
N HIS A 27 -0.69 -4.37 4.84
CA HIS A 27 -0.18 -4.29 6.23
C HIS A 27 0.63 -3.00 6.40
N TYR A 28 0.93 -2.32 5.33
CA TYR A 28 1.71 -1.06 5.43
C TYR A 28 0.95 0.07 4.76
N CYS A 29 0.52 -0.12 3.54
CA CYS A 29 -0.24 0.95 2.86
C CYS A 29 -1.72 0.60 2.81
N LYS A 30 -2.54 1.32 3.52
CA LYS A 30 -4.00 1.02 3.50
C LYS A 30 -4.67 1.77 2.34
N LYS A 31 -4.47 3.07 2.28
CA LYS A 31 -5.07 3.88 1.18
C LYS A 31 -4.47 3.45 -0.15
N ALA A 32 -3.17 3.35 -0.20
CA ALA A 32 -2.50 2.94 -1.47
C ALA A 32 -3.04 1.59 -1.93
N CYS A 33 -3.56 0.81 -1.02
CA CYS A 33 -4.11 -0.51 -1.40
C CYS A 33 -5.64 -0.43 -1.35
N GLY A 34 -6.31 -1.53 -1.54
CA GLY A 34 -7.80 -1.50 -1.51
C GLY A 34 -8.31 -1.45 -0.07
N LEU A 35 -7.55 -0.90 0.85
CA LEU A 35 -8.04 -0.86 2.26
C LEU A 35 -8.67 0.51 2.53
N CYS A 36 -8.28 1.50 1.80
CA CYS A 36 -8.84 2.85 2.03
C CYS A 36 -8.66 3.70 0.77
N VAL A 1 -8.26 4.02 11.69
CA VAL A 1 -8.22 4.82 10.44
C VAL A 1 -7.23 4.18 9.46
N CYS A 2 -7.39 4.44 8.19
CA CYS A 2 -6.47 3.85 7.19
C CYS A 2 -5.49 4.91 6.70
N GLU A 3 -4.23 4.59 6.64
CA GLU A 3 -3.22 5.58 6.18
C GLU A 3 -1.93 4.85 5.80
N ASP A 4 -1.11 5.47 5.00
CA ASP A 4 0.16 4.80 4.60
C ASP A 4 1.12 4.76 5.78
N LEU A 5 1.71 3.62 6.04
CA LEU A 5 2.65 3.50 7.17
C LEU A 5 4.08 3.70 6.65
N ASN A 6 4.31 3.39 5.41
CA ASN A 6 5.67 3.55 4.81
C ASN A 6 5.69 4.80 3.94
N ALA A 7 6.74 5.58 4.01
CA ALA A 7 6.82 6.80 3.16
C ALA A 7 6.90 6.40 1.69
N HIS A 8 7.31 5.19 1.43
CA HIS A 8 7.43 4.73 0.02
C HIS A 8 6.15 4.03 -0.41
N CYS A 9 5.11 4.13 0.38
CA CYS A 9 3.83 3.47 -0.01
C CYS A 9 3.47 3.88 -1.44
N GLU A 10 3.50 5.16 -1.73
CA GLU A 10 3.16 5.61 -3.10
C GLU A 10 4.17 5.02 -4.09
N MET A 11 5.41 4.99 -3.72
CA MET A 11 6.46 4.42 -4.61
C MET A 11 6.14 2.95 -4.90
N TRP A 12 5.59 2.25 -3.94
CA TRP A 12 5.29 0.81 -4.16
C TRP A 12 3.91 0.65 -4.83
N GLN A 13 2.93 1.38 -4.38
CA GLN A 13 1.57 1.25 -4.97
C GLN A 13 1.60 1.75 -6.41
N GLN A 14 2.38 2.75 -6.68
CA GLN A 14 2.46 3.27 -8.07
C GLN A 14 3.06 2.20 -8.97
N LEU A 15 3.90 1.37 -8.41
CA LEU A 15 4.51 0.27 -9.20
C LEU A 15 3.56 -0.93 -9.22
N GLY A 16 2.49 -0.85 -8.48
CA GLY A 16 1.52 -1.98 -8.48
C GLY A 16 1.83 -2.97 -7.35
N HIS A 17 2.71 -2.62 -6.44
CA HIS A 17 3.02 -3.55 -5.33
C HIS A 17 1.72 -4.04 -4.70
N CYS A 18 0.68 -3.25 -4.77
CA CYS A 18 -0.61 -3.68 -4.18
C CYS A 18 -1.26 -4.67 -5.14
N GLN A 19 -1.17 -4.41 -6.41
CA GLN A 19 -1.75 -5.32 -7.41
C GLN A 19 -0.90 -6.59 -7.46
N TYR A 20 0.38 -6.45 -7.19
CA TYR A 20 1.30 -7.62 -7.25
C TYR A 20 1.57 -8.16 -5.85
N SER A 21 1.95 -7.30 -4.93
CA SER A 21 2.26 -7.79 -3.56
C SER A 21 1.44 -7.03 -2.52
N PRO A 22 0.16 -7.26 -2.47
CA PRO A 22 -0.74 -6.59 -1.49
C PRO A 22 -0.54 -7.14 -0.07
N LYS A 23 0.07 -8.29 0.03
CA LYS A 23 0.29 -8.90 1.38
C LYS A 23 1.14 -7.98 2.25
N TYR A 24 1.99 -7.19 1.66
CA TYR A 24 2.86 -6.30 2.48
C TYR A 24 2.36 -4.86 2.37
N MET A 25 1.55 -4.58 1.39
CA MET A 25 1.03 -3.19 1.26
C MET A 25 -0.16 -3.03 2.21
N GLY A 26 -1.01 -4.02 2.26
CA GLY A 26 -2.19 -3.95 3.14
C GLY A 26 -1.74 -3.83 4.60
N HIS A 27 -0.55 -4.30 4.88
CA HIS A 27 -0.04 -4.23 6.28
C HIS A 27 0.69 -2.91 6.49
N TYR A 28 0.97 -2.20 5.44
CA TYR A 28 1.69 -0.91 5.59
C TYR A 28 0.88 0.19 4.95
N CYS A 29 0.45 -0.01 3.74
CA CYS A 29 -0.34 1.04 3.07
C CYS A 29 -1.80 0.60 2.94
N LYS A 30 -2.68 1.26 3.62
CA LYS A 30 -4.13 0.90 3.53
C LYS A 30 -4.76 1.67 2.37
N LYS A 31 -4.55 2.95 2.32
CA LYS A 31 -5.12 3.77 1.22
C LYS A 31 -4.49 3.35 -0.11
N ALA A 32 -3.19 3.25 -0.13
CA ALA A 32 -2.49 2.85 -1.37
C ALA A 32 -2.99 1.48 -1.83
N CYS A 33 -3.54 0.71 -0.94
CA CYS A 33 -4.06 -0.62 -1.34
C CYS A 33 -5.59 -0.57 -1.33
N GLY A 34 -6.22 -1.69 -1.56
CA GLY A 34 -7.70 -1.70 -1.57
C GLY A 34 -8.26 -1.72 -0.15
N LEU A 35 -7.56 -1.13 0.80
CA LEU A 35 -8.09 -1.13 2.20
C LEU A 35 -8.78 0.20 2.47
N CYS A 36 -8.40 1.24 1.76
CA CYS A 36 -9.03 2.55 1.97
C CYS A 36 -8.71 3.47 0.79
N VAL A 1 -7.29 3.89 12.55
CA VAL A 1 -7.73 4.43 11.22
C VAL A 1 -6.94 3.73 10.11
N CYS A 2 -7.04 4.22 8.90
CA CYS A 2 -6.30 3.60 7.77
C CYS A 2 -5.39 4.65 7.13
N GLU A 3 -4.13 4.36 7.02
CA GLU A 3 -3.20 5.36 6.40
C GLU A 3 -1.89 4.68 6.00
N ASP A 4 -1.15 5.27 5.10
CA ASP A 4 0.12 4.65 4.68
C ASP A 4 1.09 4.55 5.86
N LEU A 5 1.81 3.46 5.95
CA LEU A 5 2.78 3.31 7.08
C LEU A 5 4.19 3.60 6.57
N ASN A 6 4.43 3.32 5.31
CA ASN A 6 5.79 3.59 4.75
C ASN A 6 5.74 4.85 3.88
N ALA A 7 6.76 5.66 3.93
CA ALA A 7 6.76 6.89 3.09
C ALA A 7 6.81 6.48 1.60
N HIS A 8 7.29 5.31 1.33
CA HIS A 8 7.37 4.86 -0.10
C HIS A 8 6.08 4.15 -0.49
N CYS A 9 5.07 4.21 0.34
CA CYS A 9 3.79 3.54 0.01
C CYS A 9 3.32 3.94 -1.40
N GLU A 10 3.34 5.21 -1.71
CA GLU A 10 2.89 5.64 -3.07
C GLU A 10 3.83 5.04 -4.11
N MET A 11 5.10 5.06 -3.84
CA MET A 11 6.07 4.49 -4.81
C MET A 11 5.78 3.01 -5.02
N TRP A 12 5.43 2.32 -3.98
CA TRP A 12 5.14 0.86 -4.10
C TRP A 12 3.81 0.64 -4.80
N GLN A 13 2.80 1.36 -4.42
CA GLN A 13 1.47 1.19 -5.05
C GLN A 13 1.52 1.66 -6.50
N GLN A 14 2.25 2.70 -6.79
CA GLN A 14 2.33 3.17 -8.18
C GLN A 14 3.07 2.12 -9.00
N LEU A 15 4.01 1.44 -8.40
CA LEU A 15 4.74 0.37 -9.12
C LEU A 15 3.85 -0.87 -9.18
N GLY A 16 2.72 -0.84 -8.53
CA GLY A 16 1.79 -2.01 -8.56
C GLY A 16 2.06 -2.96 -7.39
N HIS A 17 2.75 -2.52 -6.39
CA HIS A 17 3.03 -3.42 -5.22
C HIS A 17 1.73 -3.96 -4.65
N CYS A 18 0.65 -3.22 -4.77
CA CYS A 18 -0.64 -3.72 -4.24
C CYS A 18 -1.14 -4.81 -5.17
N GLN A 19 -0.98 -4.59 -6.45
CA GLN A 19 -1.41 -5.60 -7.44
C GLN A 19 -0.46 -6.79 -7.38
N TYR A 20 0.78 -6.55 -7.05
CA TYR A 20 1.78 -7.66 -6.99
C TYR A 20 2.02 -8.11 -5.54
N SER A 21 2.20 -7.20 -4.63
CA SER A 21 2.46 -7.60 -3.22
C SER A 21 1.45 -6.95 -2.26
N PRO A 22 0.22 -7.35 -2.34
CA PRO A 22 -0.86 -6.82 -1.46
C PRO A 22 -0.71 -7.34 -0.03
N LYS A 23 -0.05 -8.46 0.11
CA LYS A 23 0.13 -9.06 1.46
C LYS A 23 0.88 -8.09 2.38
N TYR A 24 1.80 -7.32 1.86
CA TYR A 24 2.54 -6.38 2.75
C TYR A 24 2.04 -4.95 2.52
N MET A 25 1.45 -4.66 1.40
CA MET A 25 0.94 -3.27 1.18
C MET A 25 -0.28 -3.07 2.09
N GLY A 26 -1.15 -4.04 2.13
CA GLY A 26 -2.35 -3.91 3.00
C GLY A 26 -1.90 -3.78 4.45
N HIS A 27 -0.75 -4.33 4.76
CA HIS A 27 -0.24 -4.26 6.16
C HIS A 27 0.56 -2.98 6.34
N TYR A 28 0.93 -2.32 5.28
CA TYR A 28 1.72 -1.07 5.39
C TYR A 28 0.96 0.06 4.72
N CYS A 29 0.53 -0.12 3.50
CA CYS A 29 -0.20 0.97 2.81
C CYS A 29 -1.69 0.60 2.74
N LYS A 30 -2.52 1.32 3.43
CA LYS A 30 -3.99 1.00 3.41
C LYS A 30 -4.66 1.78 2.26
N LYS A 31 -4.48 3.08 2.24
CA LYS A 31 -5.09 3.90 1.15
C LYS A 31 -4.51 3.48 -0.19
N ALA A 32 -3.21 3.37 -0.23
CA ALA A 32 -2.52 2.97 -1.48
C ALA A 32 -3.07 1.62 -1.95
N CYS A 33 -3.60 0.85 -1.04
CA CYS A 33 -4.15 -0.47 -1.44
C CYS A 33 -5.68 -0.39 -1.39
N GLY A 34 -6.35 -1.49 -1.60
CA GLY A 34 -7.83 -1.47 -1.58
C GLY A 34 -8.35 -1.45 -0.14
N LEU A 35 -7.58 -0.92 0.78
CA LEU A 35 -8.07 -0.89 2.20
C LEU A 35 -8.68 0.48 2.47
N CYS A 36 -8.27 1.48 1.75
CA CYS A 36 -8.83 2.84 1.96
C CYS A 36 -8.62 3.67 0.70
N VAL A 1 -8.92 2.80 11.77
CA VAL A 1 -8.22 3.90 11.06
C VAL A 1 -7.36 3.30 9.95
N CYS A 2 -7.29 3.95 8.81
CA CYS A 2 -6.47 3.41 7.70
C CYS A 2 -5.58 4.51 7.13
N GLU A 3 -4.29 4.27 7.02
CA GLU A 3 -3.38 5.31 6.47
C GLU A 3 -2.05 4.69 6.05
N ASP A 4 -1.32 5.34 5.19
CA ASP A 4 -0.02 4.79 4.73
C ASP A 4 0.96 4.70 5.91
N LEU A 5 1.67 3.62 6.01
CA LEU A 5 2.65 3.48 7.13
C LEU A 5 4.07 3.67 6.60
N ASN A 6 4.30 3.37 5.35
CA ASN A 6 5.66 3.55 4.78
C ASN A 6 5.70 4.81 3.92
N ALA A 7 6.76 5.56 4.00
CA ALA A 7 6.85 6.80 3.17
C ALA A 7 6.92 6.43 1.68
N HIS A 8 7.33 5.22 1.39
CA HIS A 8 7.44 4.79 -0.04
C HIS A 8 6.13 4.11 -0.47
N CYS A 9 5.11 4.18 0.34
CA CYS A 9 3.83 3.52 -0.04
C CYS A 9 3.44 3.91 -1.46
N GLU A 10 3.49 5.17 -1.79
CA GLU A 10 3.12 5.60 -3.18
C GLU A 10 4.13 5.01 -4.16
N MET A 11 5.37 4.96 -3.78
CA MET A 11 6.42 4.39 -4.66
C MET A 11 6.12 2.93 -4.94
N TRP A 12 5.55 2.25 -3.99
CA TRP A 12 5.25 0.79 -4.19
C TRP A 12 3.89 0.59 -4.85
N GLN A 13 2.90 1.34 -4.45
CA GLN A 13 1.55 1.17 -5.07
C GLN A 13 1.58 1.65 -6.51
N GLN A 14 2.35 2.66 -6.78
CA GLN A 14 2.43 3.17 -8.17
C GLN A 14 3.04 2.09 -9.05
N LEU A 15 3.87 1.25 -8.49
CA LEU A 15 4.50 0.17 -9.28
C LEU A 15 3.56 -1.05 -9.29
N GLY A 16 2.50 -0.99 -8.53
CA GLY A 16 1.55 -2.14 -8.51
C GLY A 16 1.83 -3.06 -7.32
N HIS A 17 2.67 -2.67 -6.41
CA HIS A 17 2.96 -3.57 -5.25
C HIS A 17 1.64 -4.02 -4.62
N CYS A 18 0.62 -3.22 -4.70
CA CYS A 18 -0.68 -3.63 -4.11
C CYS A 18 -1.31 -4.66 -5.04
N GLN A 19 -1.19 -4.45 -6.31
CA GLN A 19 -1.75 -5.41 -7.29
C GLN A 19 -0.86 -6.64 -7.35
N TYR A 20 0.41 -6.46 -7.13
CA TYR A 20 1.37 -7.60 -7.19
C TYR A 20 1.70 -8.11 -5.79
N SER A 21 1.98 -7.24 -4.86
CA SER A 21 2.32 -7.71 -3.49
C SER A 21 1.47 -6.98 -2.45
N PRO A 22 0.20 -7.28 -2.42
CA PRO A 22 -0.74 -6.66 -1.45
C PRO A 22 -0.51 -7.18 -0.02
N LYS A 23 0.18 -8.29 0.10
CA LYS A 23 0.44 -8.86 1.45
C LYS A 23 1.23 -7.89 2.31
N TYR A 24 2.10 -7.11 1.72
CA TYR A 24 2.92 -6.17 2.55
C TYR A 24 2.38 -4.76 2.42
N MET A 25 1.57 -4.51 1.43
CA MET A 25 1.01 -3.14 1.26
C MET A 25 -0.18 -2.98 2.22
N GLY A 26 -1.04 -3.95 2.26
CA GLY A 26 -2.21 -3.87 3.16
C GLY A 26 -1.73 -3.78 4.61
N HIS A 27 -0.57 -4.30 4.89
CA HIS A 27 -0.05 -4.26 6.27
C HIS A 27 0.71 -2.94 6.50
N TYR A 28 1.00 -2.24 5.44
CA TYR A 28 1.73 -0.96 5.59
C TYR A 28 0.95 0.16 4.92
N CYS A 29 0.56 -0.02 3.69
CA CYS A 29 -0.20 1.05 3.00
C CYS A 29 -1.66 0.63 2.88
N LYS A 30 -2.55 1.32 3.56
CA LYS A 30 -3.99 0.97 3.47
C LYS A 30 -4.63 1.73 2.31
N LYS A 31 -4.49 3.03 2.31
CA LYS A 31 -5.09 3.84 1.22
C LYS A 31 -4.46 3.44 -0.10
N ALA A 32 -3.17 3.34 -0.13
CA ALA A 32 -2.47 2.94 -1.37
C ALA A 32 -3.02 1.60 -1.85
N CYS A 33 -3.60 0.84 -0.96
CA CYS A 33 -4.18 -0.48 -1.36
C CYS A 33 -5.70 -0.37 -1.37
N GLY A 34 -6.38 -1.42 -1.75
CA GLY A 34 -7.87 -1.37 -1.80
C GLY A 34 -8.43 -1.29 -0.39
N LEU A 35 -7.60 -1.12 0.59
CA LEU A 35 -8.11 -1.02 1.97
C LEU A 35 -8.74 0.35 2.15
N CYS A 36 -8.22 1.35 1.48
CA CYS A 36 -8.79 2.72 1.61
C CYS A 36 -8.57 3.51 0.32
N VAL A 1 -8.03 3.21 12.19
CA VAL A 1 -8.05 4.09 10.98
C VAL A 1 -7.28 3.43 9.84
N CYS A 2 -7.19 4.09 8.71
CA CYS A 2 -6.43 3.51 7.58
C CYS A 2 -5.51 4.60 7.00
N GLU A 3 -4.24 4.33 6.88
CA GLU A 3 -3.32 5.36 6.33
C GLU A 3 -1.99 4.71 5.93
N ASP A 4 -1.24 5.34 5.06
CA ASP A 4 0.06 4.76 4.64
C ASP A 4 1.02 4.69 5.83
N LEU A 5 1.78 3.63 5.94
CA LEU A 5 2.74 3.51 7.07
C LEU A 5 4.17 3.76 6.58
N ASN A 6 4.43 3.44 5.34
CA ASN A 6 5.81 3.67 4.79
C ASN A 6 5.81 4.90 3.90
N ALA A 7 6.86 5.68 3.94
CA ALA A 7 6.92 6.90 3.08
C ALA A 7 6.94 6.48 1.60
N HIS A 8 7.41 5.29 1.32
CA HIS A 8 7.45 4.82 -0.09
C HIS A 8 6.18 4.05 -0.41
N CYS A 9 5.18 4.17 0.43
CA CYS A 9 3.90 3.45 0.18
C CYS A 9 3.40 3.75 -1.23
N GLU A 10 3.15 5.01 -1.50
CA GLU A 10 2.66 5.38 -2.85
C GLU A 10 3.72 4.98 -3.88
N MET A 11 4.96 5.06 -3.52
CA MET A 11 6.04 4.68 -4.46
C MET A 11 5.90 3.19 -4.82
N TRP A 12 5.38 2.41 -3.90
CA TRP A 12 5.23 0.96 -4.18
C TRP A 12 3.88 0.68 -4.87
N GLN A 13 2.84 1.37 -4.49
CA GLN A 13 1.52 1.12 -5.14
C GLN A 13 1.56 1.58 -6.58
N GLN A 14 2.26 2.65 -6.86
CA GLN A 14 2.35 3.14 -8.25
C GLN A 14 3.06 2.09 -9.10
N LEU A 15 3.91 1.31 -8.49
CA LEU A 15 4.62 0.24 -9.26
C LEU A 15 3.74 -1.01 -9.31
N GLY A 16 2.64 -0.99 -8.60
CA GLY A 16 1.72 -2.16 -8.61
C GLY A 16 2.00 -3.08 -7.42
N HIS A 17 2.77 -2.66 -6.46
CA HIS A 17 3.07 -3.54 -5.29
C HIS A 17 1.75 -4.03 -4.67
N CYS A 18 0.73 -3.21 -4.71
CA CYS A 18 -0.57 -3.64 -4.12
C CYS A 18 -1.22 -4.61 -5.10
N GLN A 19 -1.14 -4.31 -6.36
CA GLN A 19 -1.72 -5.21 -7.39
C GLN A 19 -0.90 -6.50 -7.44
N TYR A 20 0.38 -6.38 -7.18
CA TYR A 20 1.26 -7.59 -7.23
C TYR A 20 1.55 -8.11 -5.83
N SER A 21 1.90 -7.26 -4.90
CA SER A 21 2.22 -7.75 -3.53
C SER A 21 1.40 -6.99 -2.47
N PRO A 22 0.12 -7.24 -2.42
CA PRO A 22 -0.78 -6.59 -1.43
C PRO A 22 -0.60 -7.18 -0.03
N LYS A 23 -0.01 -8.34 0.05
CA LYS A 23 0.20 -8.98 1.38
C LYS A 23 1.01 -8.08 2.31
N TYR A 24 1.93 -7.32 1.78
CA TYR A 24 2.74 -6.44 2.67
C TYR A 24 2.25 -4.99 2.54
N MET A 25 1.52 -4.68 1.51
CA MET A 25 1.01 -3.29 1.35
C MET A 25 -0.17 -3.07 2.29
N GLY A 26 -1.04 -4.05 2.37
CA GLY A 26 -2.23 -3.92 3.26
C GLY A 26 -1.77 -3.76 4.70
N HIS A 27 -0.62 -4.28 5.02
CA HIS A 27 -0.11 -4.17 6.41
C HIS A 27 0.66 -2.86 6.59
N TYR A 28 0.96 -2.21 5.49
CA TYR A 28 1.72 -0.93 5.58
C TYR A 28 0.93 0.17 4.89
N CYS A 29 0.57 -0.03 3.65
CA CYS A 29 -0.21 1.01 2.93
C CYS A 29 -1.68 0.61 2.86
N LYS A 30 -2.54 1.34 3.52
CA LYS A 30 -3.99 1.00 3.47
C LYS A 30 -4.65 1.71 2.28
N LYS A 31 -4.47 3.01 2.22
CA LYS A 31 -5.05 3.81 1.11
C LYS A 31 -4.41 3.37 -0.20
N ALA A 32 -3.13 3.30 -0.22
CA ALA A 32 -2.42 2.89 -1.46
C ALA A 32 -2.94 1.52 -1.89
N CYS A 33 -3.49 0.78 -0.98
CA CYS A 33 -4.03 -0.56 -1.33
C CYS A 33 -5.56 -0.50 -1.33
N GLY A 34 -6.20 -1.58 -1.67
CA GLY A 34 -7.68 -1.59 -1.70
C GLY A 34 -8.23 -1.52 -0.28
N LEU A 35 -7.47 -1.03 0.66
CA LEU A 35 -8.01 -0.94 2.04
C LEU A 35 -8.62 0.43 2.23
N CYS A 36 -8.19 1.39 1.46
CA CYS A 36 -8.76 2.76 1.59
C CYS A 36 -8.56 3.51 0.28
N VAL A 1 -7.55 5.19 11.88
CA VAL A 1 -8.11 5.21 10.50
C VAL A 1 -7.17 4.46 9.55
N CYS A 2 -7.30 4.68 8.28
CA CYS A 2 -6.42 3.99 7.30
C CYS A 2 -5.39 4.99 6.74
N GLU A 3 -4.14 4.63 6.71
CA GLU A 3 -3.12 5.56 6.17
C GLU A 3 -1.84 4.80 5.82
N ASP A 4 -1.03 5.36 4.97
CA ASP A 4 0.22 4.66 4.57
C ASP A 4 1.21 4.62 5.75
N LEU A 5 1.65 3.45 6.12
CA LEU A 5 2.62 3.35 7.24
C LEU A 5 4.01 3.75 6.74
N ASN A 6 4.33 3.40 5.52
CA ASN A 6 5.67 3.77 4.97
C ASN A 6 5.52 4.94 4.00
N ALA A 7 6.46 5.85 4.00
CA ALA A 7 6.37 7.02 3.08
C ALA A 7 6.58 6.55 1.63
N HIS A 8 7.08 5.36 1.45
CA HIS A 8 7.31 4.86 0.07
C HIS A 8 6.08 4.11 -0.43
N CYS A 9 5.04 4.06 0.36
CA CYS A 9 3.82 3.33 -0.09
C CYS A 9 3.44 3.77 -1.51
N GLU A 10 3.44 5.05 -1.76
CA GLU A 10 3.08 5.52 -3.12
C GLU A 10 4.12 4.99 -4.11
N MET A 11 5.36 4.97 -3.71
CA MET A 11 6.42 4.46 -4.61
C MET A 11 6.16 2.98 -4.94
N TRP A 12 5.59 2.26 -4.02
CA TRP A 12 5.32 0.81 -4.26
C TRP A 12 3.95 0.63 -4.93
N GLN A 13 2.94 1.32 -4.47
CA GLN A 13 1.59 1.17 -5.07
C GLN A 13 1.61 1.67 -6.51
N GLN A 14 2.37 2.70 -6.78
CA GLN A 14 2.43 3.23 -8.17
C GLN A 14 3.08 2.17 -9.06
N LEU A 15 3.90 1.33 -8.48
CA LEU A 15 4.56 0.25 -9.26
C LEU A 15 3.63 -0.96 -9.29
N GLY A 16 2.55 -0.91 -8.57
CA GLY A 16 1.60 -2.06 -8.56
C GLY A 16 1.92 -3.01 -7.41
N HIS A 17 2.76 -2.63 -6.48
CA HIS A 17 3.09 -3.54 -5.35
C HIS A 17 1.79 -4.01 -4.71
N CYS A 18 0.77 -3.20 -4.74
CA CYS A 18 -0.52 -3.61 -4.14
C CYS A 18 -1.18 -4.62 -5.08
N GLN A 19 -1.10 -4.35 -6.36
CA GLN A 19 -1.69 -5.29 -7.34
C GLN A 19 -0.85 -6.55 -7.41
N TYR A 20 0.44 -6.42 -7.22
CA TYR A 20 1.34 -7.60 -7.30
C TYR A 20 1.62 -8.15 -5.89
N SER A 21 1.98 -7.31 -4.95
CA SER A 21 2.28 -7.83 -3.59
C SER A 21 1.47 -7.08 -2.53
N PRO A 22 0.18 -7.30 -2.50
CA PRO A 22 -0.72 -6.66 -1.51
C PRO A 22 -0.53 -7.24 -0.10
N LYS A 23 0.11 -8.38 -0.01
CA LYS A 23 0.33 -9.02 1.32
C LYS A 23 1.12 -8.09 2.24
N TYR A 24 2.02 -7.30 1.70
CA TYR A 24 2.82 -6.40 2.57
C TYR A 24 2.31 -4.97 2.47
N MET A 25 1.57 -4.66 1.45
CA MET A 25 1.03 -3.28 1.33
C MET A 25 -0.19 -3.13 2.24
N GLY A 26 -1.03 -4.12 2.27
CA GLY A 26 -2.24 -4.05 3.13
C GLY A 26 -1.83 -3.91 4.59
N HIS A 27 -0.66 -4.41 4.92
CA HIS A 27 -0.18 -4.32 6.32
C HIS A 27 0.58 -3.01 6.53
N TYR A 28 0.89 -2.33 5.45
CA TYR A 28 1.64 -1.05 5.58
C TYR A 28 0.86 0.07 4.90
N CYS A 29 0.43 -0.14 3.69
CA CYS A 29 -0.32 0.92 2.99
C CYS A 29 -1.81 0.55 2.91
N LYS A 30 -2.64 1.28 3.59
CA LYS A 30 -4.10 0.98 3.54
C LYS A 30 -4.73 1.73 2.37
N LYS A 31 -4.52 3.02 2.32
CA LYS A 31 -5.09 3.84 1.20
C LYS A 31 -4.44 3.42 -0.11
N ALA A 32 -3.14 3.36 -0.13
CA ALA A 32 -2.43 2.96 -1.38
C ALA A 32 -2.95 1.60 -1.84
N CYS A 33 -3.48 0.83 -0.95
CA CYS A 33 -4.03 -0.50 -1.34
C CYS A 33 -5.55 -0.43 -1.32
N GLY A 34 -6.20 -1.53 -1.52
CA GLY A 34 -7.70 -1.52 -1.53
C GLY A 34 -8.23 -1.56 -0.11
N LEU A 35 -7.51 -1.03 0.86
CA LEU A 35 -8.04 -1.07 2.25
C LEU A 35 -8.74 0.25 2.55
N CYS A 36 -8.37 1.29 1.86
CA CYS A 36 -9.02 2.61 2.12
C CYS A 36 -8.69 3.57 0.98
N VAL A 1 -8.09 3.40 12.27
CA VAL A 1 -7.70 4.42 11.25
C VAL A 1 -6.94 3.73 10.12
N CYS A 2 -6.95 4.30 8.95
CA CYS A 2 -6.22 3.68 7.82
C CYS A 2 -5.33 4.74 7.14
N GLU A 3 -4.06 4.46 7.00
CA GLU A 3 -3.15 5.44 6.35
C GLU A 3 -1.85 4.76 5.95
N ASP A 4 -1.12 5.36 5.04
CA ASP A 4 0.16 4.75 4.59
C ASP A 4 1.15 4.71 5.76
N LEU A 5 1.70 3.55 6.04
CA LEU A 5 2.68 3.43 7.15
C LEU A 5 4.07 3.83 6.65
N ASN A 6 4.40 3.48 5.44
CA ASN A 6 5.75 3.82 4.89
C ASN A 6 5.61 5.00 3.91
N ALA A 7 6.57 5.90 3.92
CA ALA A 7 6.51 7.06 3.00
C ALA A 7 6.63 6.56 1.56
N HIS A 8 7.25 5.43 1.36
CA HIS A 8 7.40 4.88 -0.01
C HIS A 8 6.14 4.10 -0.38
N CYS A 9 5.12 4.23 0.41
CA CYS A 9 3.85 3.50 0.12
C CYS A 9 3.42 3.78 -1.31
N GLU A 10 3.21 5.03 -1.62
CA GLU A 10 2.78 5.39 -2.99
C GLU A 10 3.87 4.95 -3.98
N MET A 11 5.10 5.05 -3.59
CA MET A 11 6.20 4.63 -4.51
C MET A 11 6.01 3.15 -4.85
N TRP A 12 5.47 2.40 -3.93
CA TRP A 12 5.28 0.94 -4.18
C TRP A 12 3.94 0.68 -4.88
N GLN A 13 2.90 1.36 -4.49
CA GLN A 13 1.57 1.12 -5.14
C GLN A 13 1.62 1.59 -6.58
N GLN A 14 2.36 2.63 -6.84
CA GLN A 14 2.45 3.15 -8.25
C GLN A 14 3.12 2.08 -9.10
N LEU A 15 4.01 1.32 -8.52
CA LEU A 15 4.70 0.24 -9.28
C LEU A 15 3.79 -0.99 -9.30
N GLY A 16 2.70 -0.95 -8.58
CA GLY A 16 1.75 -2.10 -8.58
C GLY A 16 2.01 -3.03 -7.39
N HIS A 17 2.81 -2.62 -6.44
CA HIS A 17 3.09 -3.52 -5.28
C HIS A 17 1.78 -4.02 -4.68
N CYS A 18 0.74 -3.24 -4.73
CA CYS A 18 -0.56 -3.71 -4.17
C CYS A 18 -1.16 -4.70 -5.14
N GLN A 19 -1.05 -4.43 -6.41
CA GLN A 19 -1.59 -5.35 -7.43
C GLN A 19 -0.72 -6.61 -7.47
N TYR A 20 0.55 -6.45 -7.22
CA TYR A 20 1.47 -7.62 -7.26
C TYR A 20 1.69 -8.18 -5.85
N SER A 21 1.96 -7.33 -4.89
CA SER A 21 2.20 -7.85 -3.51
C SER A 21 1.36 -7.09 -2.48
N PRO A 22 0.07 -7.29 -2.48
CA PRO A 22 -0.84 -6.62 -1.51
C PRO A 22 -0.70 -7.23 -0.11
N LYS A 23 -0.08 -8.37 -0.02
CA LYS A 23 0.08 -9.04 1.30
C LYS A 23 0.89 -8.14 2.25
N TYR A 24 1.82 -7.37 1.76
CA TYR A 24 2.63 -6.51 2.67
C TYR A 24 2.15 -5.06 2.55
N MET A 25 1.48 -4.72 1.49
CA MET A 25 0.98 -3.33 1.34
C MET A 25 -0.21 -3.12 2.26
N GLY A 26 -1.09 -4.09 2.32
CA GLY A 26 -2.28 -3.96 3.21
C GLY A 26 -1.81 -3.80 4.65
N HIS A 27 -0.65 -4.33 4.95
CA HIS A 27 -0.11 -4.23 6.32
C HIS A 27 0.67 -2.93 6.47
N TYR A 28 0.96 -2.27 5.38
CA TYR A 28 1.73 -1.01 5.45
C TYR A 28 0.95 0.11 4.78
N CYS A 29 0.50 -0.10 3.58
CA CYS A 29 -0.26 0.95 2.88
C CYS A 29 -1.74 0.57 2.81
N LYS A 30 -2.58 1.29 3.50
CA LYS A 30 -4.03 0.98 3.47
C LYS A 30 -4.68 1.73 2.29
N LYS A 31 -4.46 3.01 2.24
CA LYS A 31 -5.03 3.83 1.14
C LYS A 31 -4.42 3.39 -0.18
N ALA A 32 -3.12 3.32 -0.22
CA ALA A 32 -2.43 2.92 -1.48
C ALA A 32 -2.94 1.55 -1.93
N CYS A 33 -3.48 0.78 -1.02
CA CYS A 33 -4.01 -0.56 -1.40
C CYS A 33 -5.53 -0.50 -1.39
N GLY A 34 -6.19 -1.60 -1.58
CA GLY A 34 -7.68 -1.58 -1.59
C GLY A 34 -8.24 -1.54 -0.17
N LEU A 35 -7.54 -0.94 0.76
CA LEU A 35 -8.07 -0.90 2.15
C LEU A 35 -8.76 0.45 2.38
N CYS A 36 -8.35 1.46 1.68
CA CYS A 36 -8.99 2.80 1.87
C CYS A 36 -9.02 3.54 0.53
N VAL A 1 -7.24 3.16 12.65
CA VAL A 1 -7.03 4.18 11.59
C VAL A 1 -6.24 3.55 10.44
N CYS A 2 -6.68 3.73 9.22
CA CYS A 2 -5.94 3.13 8.08
C CYS A 2 -5.21 4.24 7.33
N GLU A 3 -3.92 4.09 7.16
CA GLU A 3 -3.13 5.14 6.44
C GLU A 3 -1.80 4.55 6.00
N ASP A 4 -1.15 5.15 5.04
CA ASP A 4 0.15 4.61 4.57
C ASP A 4 1.17 4.59 5.70
N LEU A 5 1.70 3.44 6.00
CA LEU A 5 2.72 3.34 7.09
C LEU A 5 4.08 3.79 6.56
N ASN A 6 4.39 3.48 5.33
CA ASN A 6 5.71 3.87 4.75
C ASN A 6 5.55 5.08 3.81
N ALA A 7 6.50 5.99 3.84
CA ALA A 7 6.42 7.17 2.95
C ALA A 7 6.56 6.73 1.49
N HIS A 8 7.15 5.58 1.28
CA HIS A 8 7.31 5.08 -0.12
C HIS A 8 6.05 4.30 -0.53
N CYS A 9 5.01 4.39 0.25
CA CYS A 9 3.77 3.65 -0.12
C CYS A 9 3.33 4.03 -1.53
N GLU A 10 3.35 5.28 -1.85
CA GLU A 10 2.94 5.70 -3.22
C GLU A 10 3.91 5.09 -4.24
N MET A 11 5.17 5.07 -3.92
CA MET A 11 6.17 4.48 -4.86
C MET A 11 5.87 2.99 -5.02
N TRP A 12 5.50 2.34 -3.96
CA TRP A 12 5.22 0.88 -4.05
C TRP A 12 3.88 0.65 -4.75
N GLN A 13 2.87 1.42 -4.42
CA GLN A 13 1.55 1.24 -5.06
C GLN A 13 1.64 1.67 -6.53
N GLN A 14 2.40 2.69 -6.82
CA GLN A 14 2.52 3.13 -8.23
C GLN A 14 3.27 2.06 -9.01
N LEU A 15 4.14 1.35 -8.34
CA LEU A 15 4.88 0.25 -9.01
C LEU A 15 3.99 -0.99 -9.06
N GLY A 16 2.85 -0.94 -8.44
CA GLY A 16 1.93 -2.11 -8.46
C GLY A 16 2.20 -3.06 -7.29
N HIS A 17 2.86 -2.60 -6.26
CA HIS A 17 3.13 -3.49 -5.10
C HIS A 17 1.81 -4.02 -4.55
N CYS A 18 0.74 -3.28 -4.67
CA CYS A 18 -0.58 -3.75 -4.17
C CYS A 18 -1.09 -4.80 -5.14
N GLN A 19 -0.90 -4.58 -6.40
CA GLN A 19 -1.35 -5.55 -7.42
C GLN A 19 -0.47 -6.79 -7.34
N TYR A 20 0.78 -6.60 -7.01
CA TYR A 20 1.73 -7.74 -6.94
C TYR A 20 1.89 -8.23 -5.48
N SER A 21 2.14 -7.34 -4.57
CA SER A 21 2.32 -7.77 -3.14
C SER A 21 1.31 -7.07 -2.24
N PRO A 22 0.06 -7.40 -2.37
CA PRO A 22 -1.01 -6.82 -1.52
C PRO A 22 -0.91 -7.34 -0.07
N LYS A 23 -0.29 -8.47 0.10
CA LYS A 23 -0.15 -9.07 1.46
C LYS A 23 0.65 -8.12 2.37
N TYR A 24 1.59 -7.38 1.84
CA TYR A 24 2.37 -6.47 2.72
C TYR A 24 1.94 -5.03 2.48
N MET A 25 1.34 -4.73 1.37
CA MET A 25 0.89 -3.32 1.16
C MET A 25 -0.31 -3.08 2.06
N GLY A 26 -1.22 -4.02 2.11
CA GLY A 26 -2.40 -3.86 2.99
C GLY A 26 -1.93 -3.75 4.44
N HIS A 27 -0.79 -4.32 4.73
CA HIS A 27 -0.26 -4.27 6.12
C HIS A 27 0.54 -2.98 6.29
N TYR A 28 0.90 -2.35 5.20
CA TYR A 28 1.69 -1.09 5.30
C TYR A 28 0.92 0.05 4.65
N CYS A 29 0.53 -0.11 3.41
CA CYS A 29 -0.22 0.97 2.74
C CYS A 29 -1.69 0.59 2.65
N LYS A 30 -2.54 1.28 3.35
CA LYS A 30 -3.98 0.95 3.30
C LYS A 30 -4.64 1.73 2.16
N LYS A 31 -4.46 3.03 2.17
CA LYS A 31 -5.04 3.89 1.11
C LYS A 31 -4.44 3.51 -0.24
N ALA A 32 -3.14 3.44 -0.29
CA ALA A 32 -2.48 3.08 -1.56
C ALA A 32 -3.01 1.73 -2.04
N CYS A 33 -3.57 0.96 -1.16
CA CYS A 33 -4.13 -0.35 -1.55
C CYS A 33 -5.65 -0.27 -1.55
N GLY A 34 -6.32 -1.36 -1.77
CA GLY A 34 -7.80 -1.32 -1.80
C GLY A 34 -8.36 -1.34 -0.37
N LEU A 35 -7.63 -0.86 0.60
CA LEU A 35 -8.16 -0.87 1.99
C LEU A 35 -8.90 0.44 2.28
N CYS A 36 -8.17 1.52 2.43
CA CYS A 36 -8.84 2.83 2.71
C CYS A 36 -8.52 3.82 1.59
N VAL A 1 -8.44 3.98 11.53
CA VAL A 1 -8.12 4.92 10.43
C VAL A 1 -7.14 4.26 9.45
N CYS A 2 -7.29 4.52 8.18
CA CYS A 2 -6.36 3.91 7.19
C CYS A 2 -5.34 4.96 6.73
N GLU A 3 -4.09 4.62 6.72
CA GLU A 3 -3.05 5.59 6.29
C GLU A 3 -1.77 4.85 5.92
N ASP A 4 -0.97 5.43 5.07
CA ASP A 4 0.29 4.74 4.66
C ASP A 4 1.28 4.68 5.84
N LEU A 5 1.71 3.49 6.18
CA LEU A 5 2.69 3.36 7.29
C LEU A 5 4.07 3.76 6.75
N ASN A 6 4.35 3.42 5.53
CA ASN A 6 5.66 3.78 4.93
C ASN A 6 5.47 4.95 3.96
N ALA A 7 6.35 5.91 4.01
CA ALA A 7 6.24 7.08 3.10
C ALA A 7 6.48 6.62 1.66
N HIS A 8 7.07 5.46 1.49
CA HIS A 8 7.35 4.96 0.11
C HIS A 8 6.14 4.20 -0.39
N CYS A 9 5.06 4.21 0.35
CA CYS A 9 3.84 3.49 -0.09
C CYS A 9 3.47 3.91 -1.51
N GLU A 10 3.52 5.18 -1.80
CA GLU A 10 3.18 5.63 -3.17
C GLU A 10 4.17 5.03 -4.16
N MET A 11 5.42 4.97 -3.79
CA MET A 11 6.43 4.37 -4.72
C MET A 11 6.13 2.89 -4.94
N TRP A 12 5.59 2.23 -3.96
CA TRP A 12 5.27 0.78 -4.12
C TRP A 12 3.91 0.60 -4.79
N GLN A 13 2.92 1.33 -4.36
CA GLN A 13 1.56 1.18 -4.96
C GLN A 13 1.59 1.63 -6.42
N GLN A 14 2.34 2.65 -6.71
CA GLN A 14 2.40 3.14 -8.11
C GLN A 14 3.01 2.07 -9.01
N LEU A 15 3.91 1.28 -8.47
CA LEU A 15 4.53 0.20 -9.30
C LEU A 15 3.60 -1.02 -9.30
N GLY A 16 2.55 -0.98 -8.52
CA GLY A 16 1.61 -2.13 -8.50
C GLY A 16 1.92 -3.07 -7.32
N HIS A 17 2.75 -2.66 -6.40
CA HIS A 17 3.05 -3.54 -5.24
C HIS A 17 1.74 -4.03 -4.64
N CYS A 18 0.71 -3.22 -4.69
CA CYS A 18 -0.59 -3.66 -4.13
C CYS A 18 -1.22 -4.64 -5.11
N GLN A 19 -1.10 -4.36 -6.37
CA GLN A 19 -1.65 -5.26 -7.40
C GLN A 19 -0.81 -6.53 -7.47
N TYR A 20 0.47 -6.41 -7.22
CA TYR A 20 1.36 -7.59 -7.29
C TYR A 20 1.67 -8.15 -5.89
N SER A 21 1.98 -7.30 -4.95
CA SER A 21 2.29 -7.81 -3.58
C SER A 21 1.44 -7.08 -2.53
N PRO A 22 0.16 -7.35 -2.51
CA PRO A 22 -0.77 -6.73 -1.53
C PRO A 22 -0.59 -7.28 -0.12
N LYS A 23 0.01 -8.44 -0.02
CA LYS A 23 0.22 -9.07 1.32
C LYS A 23 1.03 -8.15 2.23
N TYR A 24 1.94 -7.38 1.69
CA TYR A 24 2.76 -6.48 2.56
C TYR A 24 2.27 -5.04 2.44
N MET A 25 1.55 -4.72 1.40
CA MET A 25 1.04 -3.33 1.26
C MET A 25 -0.15 -3.14 2.20
N GLY A 26 -1.01 -4.13 2.28
CA GLY A 26 -2.20 -4.02 3.16
C GLY A 26 -1.73 -3.88 4.61
N HIS A 27 -0.59 -4.40 4.93
CA HIS A 27 -0.09 -4.32 6.33
C HIS A 27 0.71 -3.02 6.50
N TYR A 28 0.98 -2.33 5.42
CA TYR A 28 1.76 -1.06 5.52
C TYR A 28 0.99 0.07 4.86
N CYS A 29 0.56 -0.12 3.65
CA CYS A 29 -0.20 0.95 2.96
C CYS A 29 -1.68 0.61 2.93
N LYS A 30 -2.49 1.35 3.63
CA LYS A 30 -3.96 1.07 3.63
C LYS A 30 -4.62 1.82 2.47
N LYS A 31 -4.43 3.11 2.42
CA LYS A 31 -5.05 3.92 1.32
C LYS A 31 -4.47 3.51 -0.02
N ALA A 32 -3.17 3.38 -0.09
CA ALA A 32 -2.51 3.00 -1.36
C ALA A 32 -3.05 1.66 -1.85
N CYS A 33 -3.62 0.88 -0.97
CA CYS A 33 -4.16 -0.43 -1.39
C CYS A 33 -5.70 -0.37 -1.40
N GLY A 34 -6.35 -1.46 -1.68
CA GLY A 34 -7.83 -1.46 -1.72
C GLY A 34 -8.41 -1.42 -0.30
N LEU A 35 -7.58 -1.24 0.69
CA LEU A 35 -8.08 -1.21 2.09
C LEU A 35 -8.85 0.09 2.33
N CYS A 36 -8.36 1.18 1.81
CA CYS A 36 -9.04 2.48 2.03
C CYS A 36 -8.76 3.42 0.87
N VAL A 1 -9.64 3.84 10.15
CA VAL A 1 -8.26 4.35 10.42
C VAL A 1 -7.28 3.77 9.38
N CYS A 2 -7.40 4.20 8.14
CA CYS A 2 -6.48 3.68 7.11
C CYS A 2 -5.49 4.77 6.69
N GLU A 3 -4.23 4.47 6.64
CA GLU A 3 -3.24 5.49 6.24
C GLU A 3 -1.93 4.82 5.84
N ASP A 4 -1.14 5.49 5.03
CA ASP A 4 0.14 4.88 4.60
C ASP A 4 1.11 4.81 5.78
N LEU A 5 1.74 3.68 5.97
CA LEU A 5 2.70 3.53 7.12
C LEU A 5 4.13 3.68 6.60
N ASN A 6 4.35 3.37 5.35
CA ASN A 6 5.72 3.49 4.79
C ASN A 6 5.78 4.74 3.91
N ALA A 7 6.84 5.50 4.00
CA ALA A 7 6.95 6.72 3.16
C ALA A 7 7.00 6.32 1.69
N HIS A 8 7.44 5.13 1.41
CA HIS A 8 7.52 4.67 -0.01
C HIS A 8 6.18 4.00 -0.39
N CYS A 9 5.19 4.14 0.42
CA CYS A 9 3.87 3.52 0.11
C CYS A 9 3.45 3.90 -1.33
N GLU A 10 3.39 5.17 -1.62
CA GLU A 10 3.00 5.59 -3.00
C GLU A 10 4.01 5.02 -4.00
N MET A 11 5.26 5.02 -3.63
CA MET A 11 6.30 4.49 -4.54
C MET A 11 6.04 3.02 -4.83
N TRP A 12 5.47 2.32 -3.90
CA TRP A 12 5.22 0.86 -4.12
C TRP A 12 3.86 0.63 -4.80
N GLN A 13 2.85 1.35 -4.40
CA GLN A 13 1.51 1.16 -5.04
C GLN A 13 1.56 1.65 -6.47
N GLN A 14 2.32 2.68 -6.74
CA GLN A 14 2.40 3.21 -8.12
C GLN A 14 3.03 2.16 -9.02
N LEU A 15 3.88 1.34 -8.47
CA LEU A 15 4.51 0.28 -9.28
C LEU A 15 3.59 -0.95 -9.31
N GLY A 16 2.52 -0.92 -8.56
CA GLY A 16 1.57 -2.07 -8.54
C GLY A 16 1.89 -3.03 -7.38
N HIS A 17 2.66 -2.60 -6.43
CA HIS A 17 2.97 -3.50 -5.28
C HIS A 17 1.67 -4.02 -4.67
N CYS A 18 0.62 -3.26 -4.73
CA CYS A 18 -0.68 -3.75 -4.17
C CYS A 18 -1.27 -4.75 -5.14
N GLN A 19 -1.17 -4.45 -6.40
CA GLN A 19 -1.71 -5.37 -7.44
C GLN A 19 -0.84 -6.63 -7.48
N TYR A 20 0.42 -6.47 -7.22
CA TYR A 20 1.36 -7.63 -7.26
C TYR A 20 1.62 -8.17 -5.85
N SER A 21 1.94 -7.33 -4.91
CA SER A 21 2.23 -7.82 -3.53
C SER A 21 1.44 -7.03 -2.48
N PRO A 22 0.15 -7.24 -2.43
CA PRO A 22 -0.74 -6.56 -1.45
C PRO A 22 -0.54 -7.14 -0.05
N LYS A 23 0.13 -8.25 0.02
CA LYS A 23 0.36 -8.90 1.34
C LYS A 23 1.14 -7.96 2.26
N TYR A 24 2.02 -7.16 1.73
CA TYR A 24 2.81 -6.25 2.59
C TYR A 24 2.29 -4.83 2.46
N MET A 25 1.55 -4.54 1.44
CA MET A 25 1.02 -3.17 1.29
C MET A 25 -0.16 -3.00 2.23
N GLY A 26 -1.02 -3.98 2.30
CA GLY A 26 -2.20 -3.88 3.21
C GLY A 26 -1.71 -3.79 4.65
N HIS A 27 -0.54 -4.29 4.91
CA HIS A 27 0.01 -4.24 6.30
C HIS A 27 0.74 -2.92 6.51
N TYR A 28 1.00 -2.19 5.45
CA TYR A 28 1.74 -0.90 5.62
C TYR A 28 0.95 0.22 4.96
N CYS A 29 0.52 0.03 3.74
CA CYS A 29 -0.25 1.09 3.06
C CYS A 29 -1.71 0.68 2.94
N LYS A 30 -2.59 1.35 3.64
CA LYS A 30 -4.04 1.00 3.56
C LYS A 30 -4.68 1.77 2.39
N LYS A 31 -4.53 3.06 2.37
CA LYS A 31 -5.12 3.86 1.26
C LYS A 31 -4.48 3.43 -0.05
N ALA A 32 -3.17 3.36 -0.07
CA ALA A 32 -2.46 2.96 -1.31
C ALA A 32 -2.98 1.60 -1.79
N CYS A 33 -3.57 0.83 -0.92
CA CYS A 33 -4.10 -0.50 -1.34
C CYS A 33 -5.62 -0.43 -1.40
N GLY A 34 -6.26 -1.53 -1.64
CA GLY A 34 -7.75 -1.52 -1.74
C GLY A 34 -8.37 -1.50 -0.33
N LEU A 35 -7.57 -1.27 0.68
CA LEU A 35 -8.12 -1.25 2.06
C LEU A 35 -8.87 0.06 2.27
N CYS A 36 -8.39 1.13 1.70
CA CYS A 36 -9.07 2.44 1.88
C CYS A 36 -8.73 3.37 0.70
N VAL A 1 -8.78 2.88 11.83
CA VAL A 1 -8.00 3.92 11.12
C VAL A 1 -7.23 3.29 9.96
N CYS A 2 -7.08 4.00 8.88
CA CYS A 2 -6.33 3.44 7.72
C CYS A 2 -5.44 4.53 7.13
N GLU A 3 -4.16 4.27 6.99
CA GLU A 3 -3.24 5.30 6.42
C GLU A 3 -1.94 4.65 5.98
N ASP A 4 -1.21 5.28 5.12
CA ASP A 4 0.08 4.69 4.67
C ASP A 4 1.03 4.58 5.85
N LEU A 5 1.81 3.53 5.91
CA LEU A 5 2.77 3.37 7.03
C LEU A 5 4.19 3.66 6.56
N ASN A 6 4.47 3.38 5.31
CA ASN A 6 5.83 3.66 4.77
C ASN A 6 5.80 4.91 3.89
N ALA A 7 6.84 5.70 3.92
CA ALA A 7 6.86 6.92 3.08
C ALA A 7 6.89 6.53 1.60
N HIS A 8 7.34 5.34 1.30
CA HIS A 8 7.40 4.90 -0.12
C HIS A 8 6.11 4.20 -0.50
N CYS A 9 5.12 4.26 0.34
CA CYS A 9 3.83 3.58 0.03
C CYS A 9 3.34 3.99 -1.37
N GLU A 10 3.35 5.25 -1.69
CA GLU A 10 2.89 5.67 -3.04
C GLU A 10 3.82 5.09 -4.10
N MET A 11 5.10 5.11 -3.85
CA MET A 11 6.06 4.56 -4.84
C MET A 11 5.77 3.09 -5.06
N TRP A 12 5.47 2.38 -4.01
CA TRP A 12 5.18 0.92 -4.16
C TRP A 12 3.82 0.71 -4.82
N GLN A 13 2.84 1.45 -4.43
CA GLN A 13 1.49 1.26 -5.04
C GLN A 13 1.53 1.71 -6.50
N GLN A 14 2.27 2.74 -6.80
CA GLN A 14 2.34 3.21 -8.21
C GLN A 14 3.08 2.14 -9.02
N LEU A 15 3.98 1.43 -8.40
CA LEU A 15 4.70 0.36 -9.12
C LEU A 15 3.83 -0.89 -9.19
N GLY A 16 2.69 -0.86 -8.51
CA GLY A 16 1.78 -2.04 -8.55
C GLY A 16 2.08 -2.99 -7.37
N HIS A 17 2.80 -2.53 -6.39
CA HIS A 17 3.10 -3.41 -5.22
C HIS A 17 1.80 -3.96 -4.64
N CYS A 18 0.73 -3.23 -4.75
CA CYS A 18 -0.56 -3.73 -4.19
C CYS A 18 -1.08 -4.83 -5.14
N GLN A 19 -0.94 -4.60 -6.41
CA GLN A 19 -1.41 -5.61 -7.40
C GLN A 19 -0.48 -6.82 -7.33
N TYR A 20 0.77 -6.60 -7.03
CA TYR A 20 1.73 -7.73 -6.96
C TYR A 20 1.91 -8.21 -5.51
N SER A 21 2.15 -7.33 -4.59
CA SER A 21 2.35 -7.78 -3.17
C SER A 21 1.36 -7.07 -2.24
N PRO A 22 0.10 -7.37 -2.35
CA PRO A 22 -0.94 -6.77 -1.48
C PRO A 22 -0.84 -7.30 -0.05
N LYS A 23 -0.23 -8.44 0.10
CA LYS A 23 -0.09 -9.03 1.47
C LYS A 23 0.71 -8.10 2.38
N TYR A 24 1.65 -7.36 1.84
CA TYR A 24 2.44 -6.46 2.73
C TYR A 24 2.01 -5.01 2.49
N MET A 25 1.43 -4.71 1.36
CA MET A 25 0.97 -3.30 1.15
C MET A 25 -0.23 -3.06 2.06
N GLY A 26 -1.13 -3.99 2.12
CA GLY A 26 -2.31 -3.83 3.00
C GLY A 26 -1.84 -3.72 4.45
N HIS A 27 -0.72 -4.31 4.76
CA HIS A 27 -0.20 -4.23 6.15
C HIS A 27 0.58 -2.94 6.33
N TYR A 28 0.97 -2.32 5.26
CA TYR A 28 1.74 -1.06 5.36
C TYR A 28 0.98 0.08 4.71
N CYS A 29 0.56 -0.10 3.48
CA CYS A 29 -0.20 0.97 2.79
C CYS A 29 -1.68 0.59 2.73
N LYS A 30 -2.51 1.29 3.44
CA LYS A 30 -3.97 0.98 3.42
C LYS A 30 -4.65 1.74 2.28
N LYS A 31 -4.48 3.03 2.25
CA LYS A 31 -5.09 3.87 1.18
C LYS A 31 -4.49 3.46 -0.16
N ALA A 32 -3.19 3.38 -0.21
CA ALA A 32 -2.50 3.00 -1.47
C ALA A 32 -3.02 1.64 -1.93
N CYS A 33 -3.56 0.86 -1.04
CA CYS A 33 -4.10 -0.46 -1.43
C CYS A 33 -5.62 -0.39 -1.40
N GLY A 34 -6.28 -1.50 -1.60
CA GLY A 34 -7.77 -1.47 -1.60
C GLY A 34 -8.30 -1.48 -0.16
N LEU A 35 -7.57 -0.93 0.78
CA LEU A 35 -8.08 -0.92 2.17
C LEU A 35 -8.71 0.44 2.46
N CYS A 36 -8.29 1.44 1.75
CA CYS A 36 -8.85 2.80 1.97
C CYS A 36 -8.62 3.66 0.73
N VAL A 1 -8.63 2.99 11.78
CA VAL A 1 -7.94 4.06 11.00
C VAL A 1 -7.14 3.41 9.85
N CYS A 2 -7.04 4.08 8.75
CA CYS A 2 -6.28 3.51 7.61
C CYS A 2 -5.39 4.59 7.00
N GLU A 3 -4.11 4.34 6.90
CA GLU A 3 -3.19 5.35 6.31
C GLU A 3 -1.87 4.68 5.93
N ASP A 4 -1.13 5.28 5.06
CA ASP A 4 0.16 4.67 4.64
C ASP A 4 1.17 4.71 5.78
N LEU A 5 1.66 3.56 6.17
CA LEU A 5 2.65 3.52 7.28
C LEU A 5 4.02 3.93 6.75
N ASN A 6 4.33 3.58 5.53
CA ASN A 6 5.65 3.95 4.97
C ASN A 6 5.48 5.13 4.01
N ALA A 7 6.44 6.00 3.96
CA ALA A 7 6.36 7.17 3.06
C ALA A 7 6.56 6.72 1.60
N HIS A 8 7.10 5.55 1.41
CA HIS A 8 7.32 5.05 0.03
C HIS A 8 6.08 4.28 -0.45
N CYS A 9 5.05 4.26 0.34
CA CYS A 9 3.82 3.53 -0.06
C CYS A 9 3.42 3.91 -1.48
N GLU A 10 3.39 5.18 -1.80
CA GLU A 10 3.02 5.59 -3.17
C GLU A 10 4.06 5.06 -4.15
N MET A 11 5.31 5.09 -3.75
CA MET A 11 6.39 4.58 -4.64
C MET A 11 6.15 3.10 -4.95
N TRP A 12 5.61 2.37 -4.01
CA TRP A 12 5.38 0.91 -4.25
C TRP A 12 4.01 0.68 -4.93
N GLN A 13 2.99 1.37 -4.50
CA GLN A 13 1.65 1.16 -5.13
C GLN A 13 1.67 1.62 -6.57
N GLN A 14 2.42 2.65 -6.85
CA GLN A 14 2.48 3.16 -8.24
C GLN A 14 3.12 2.08 -9.12
N LEU A 15 3.99 1.29 -8.55
CA LEU A 15 4.64 0.21 -9.34
C LEU A 15 3.71 -1.01 -9.35
N GLY A 16 2.64 -0.96 -8.60
CA GLY A 16 1.67 -2.09 -8.58
C GLY A 16 1.94 -3.03 -7.39
N HIS A 17 2.77 -2.62 -6.46
CA HIS A 17 3.06 -3.51 -5.30
C HIS A 17 1.73 -3.97 -4.66
N CYS A 18 0.74 -3.13 -4.67
CA CYS A 18 -0.57 -3.54 -4.08
C CYS A 18 -1.25 -4.46 -5.08
N GLN A 19 -1.13 -4.17 -6.34
CA GLN A 19 -1.75 -5.03 -7.37
C GLN A 19 -0.97 -6.35 -7.44
N TYR A 20 0.31 -6.30 -7.18
CA TYR A 20 1.15 -7.52 -7.26
C TYR A 20 1.38 -8.12 -5.87
N SER A 21 1.77 -7.33 -4.91
CA SER A 21 2.03 -7.88 -3.54
C SER A 21 1.25 -7.10 -2.48
N PRO A 22 -0.05 -7.26 -2.46
CA PRO A 22 -0.92 -6.57 -1.47
C PRO A 22 -0.81 -7.20 -0.08
N LYS A 23 -0.27 -8.38 -0.01
CA LYS A 23 -0.13 -9.09 1.29
C LYS A 23 0.72 -8.27 2.27
N TYR A 24 1.69 -7.54 1.78
CA TYR A 24 2.54 -6.75 2.71
C TYR A 24 2.15 -5.28 2.64
N MET A 25 1.49 -4.88 1.59
CA MET A 25 1.07 -3.45 1.47
C MET A 25 -0.12 -3.21 2.40
N GLY A 26 -1.00 -4.17 2.49
CA GLY A 26 -2.19 -4.00 3.37
C GLY A 26 -1.72 -3.79 4.81
N HIS A 27 -0.57 -4.30 5.14
CA HIS A 27 -0.05 -4.15 6.53
C HIS A 27 0.71 -2.84 6.66
N TYR A 28 1.01 -2.21 5.56
CA TYR A 28 1.75 -0.92 5.61
C TYR A 28 0.96 0.16 4.88
N CYS A 29 0.62 -0.07 3.64
CA CYS A 29 -0.15 0.96 2.90
C CYS A 29 -1.62 0.54 2.81
N LYS A 30 -2.47 1.27 3.48
CA LYS A 30 -3.93 0.93 3.44
C LYS A 30 -4.58 1.65 2.28
N LYS A 31 -4.41 2.94 2.21
CA LYS A 31 -5.01 3.73 1.10
C LYS A 31 -4.39 3.28 -0.21
N ALA A 32 -3.10 3.23 -0.25
CA ALA A 32 -2.40 2.81 -1.48
C ALA A 32 -2.90 1.43 -1.90
N CYS A 33 -3.46 0.68 -0.97
CA CYS A 33 -3.98 -0.67 -1.31
C CYS A 33 -5.51 -0.61 -1.30
N GLY A 34 -6.15 -1.69 -1.63
CA GLY A 34 -7.64 -1.70 -1.65
C GLY A 34 -8.18 -1.62 -0.22
N LEU A 35 -7.42 -1.08 0.69
CA LEU A 35 -7.95 -0.99 2.07
C LEU A 35 -8.56 0.39 2.27
N CYS A 36 -8.14 1.35 1.50
CA CYS A 36 -8.70 2.71 1.64
C CYS A 36 -8.50 3.49 0.36
N VAL A 1 -7.66 4.78 11.65
CA VAL A 1 -8.26 4.75 10.28
C VAL A 1 -7.27 4.10 9.31
N CYS A 2 -7.37 4.44 8.05
CA CYS A 2 -6.43 3.85 7.05
C CYS A 2 -5.39 4.88 6.65
N GLU A 3 -4.14 4.55 6.72
CA GLU A 3 -3.07 5.51 6.34
C GLU A 3 -1.82 4.76 5.92
N ASP A 4 -0.95 5.37 5.16
CA ASP A 4 0.29 4.67 4.72
C ASP A 4 1.31 4.62 5.86
N LEU A 5 1.76 3.44 6.21
CA LEU A 5 2.77 3.32 7.29
C LEU A 5 4.12 3.76 6.75
N ASN A 6 4.40 3.42 5.53
CA ASN A 6 5.71 3.79 4.91
C ASN A 6 5.50 4.97 3.96
N ALA A 7 6.40 5.92 3.96
CA ALA A 7 6.27 7.09 3.05
C ALA A 7 6.46 6.64 1.60
N HIS A 8 7.05 5.50 1.41
CA HIS A 8 7.28 5.00 0.02
C HIS A 8 6.06 4.21 -0.44
N CYS A 9 5.01 4.21 0.34
CA CYS A 9 3.79 3.46 -0.05
C CYS A 9 3.38 3.87 -1.47
N GLU A 10 3.36 5.14 -1.77
CA GLU A 10 2.98 5.57 -3.13
C GLU A 10 4.01 5.04 -4.13
N MET A 11 5.25 5.04 -3.76
CA MET A 11 6.31 4.53 -4.67
C MET A 11 6.05 3.05 -4.98
N TRP A 12 5.53 2.33 -4.04
CA TRP A 12 5.28 0.87 -4.27
C TRP A 12 3.91 0.66 -4.90
N GLN A 13 2.89 1.36 -4.46
CA GLN A 13 1.54 1.17 -5.06
C GLN A 13 1.54 1.68 -6.49
N GLN A 14 2.25 2.73 -6.76
CA GLN A 14 2.28 3.27 -8.15
C GLN A 14 2.91 2.22 -9.06
N LEU A 15 3.81 1.43 -8.53
CA LEU A 15 4.46 0.38 -9.36
C LEU A 15 3.55 -0.87 -9.37
N GLY A 16 2.51 -0.85 -8.57
CA GLY A 16 1.57 -2.01 -8.55
C GLY A 16 1.92 -2.97 -7.41
N HIS A 17 2.80 -2.59 -6.51
CA HIS A 17 3.16 -3.50 -5.39
C HIS A 17 1.87 -3.98 -4.70
N CYS A 18 0.85 -3.16 -4.67
CA CYS A 18 -0.42 -3.58 -4.02
C CYS A 18 -1.10 -4.60 -4.91
N GLN A 19 -1.07 -4.36 -6.19
CA GLN A 19 -1.69 -5.28 -7.16
C GLN A 19 -0.88 -6.58 -7.21
N TYR A 20 0.42 -6.46 -7.10
CA TYR A 20 1.29 -7.65 -7.17
C TYR A 20 1.53 -8.25 -5.78
N SER A 21 1.91 -7.44 -4.82
CA SER A 21 2.16 -7.98 -3.46
C SER A 21 1.37 -7.20 -2.41
N PRO A 22 0.07 -7.35 -2.41
CA PRO A 22 -0.81 -6.66 -1.41
C PRO A 22 -0.63 -7.24 -0.02
N LYS A 23 -0.05 -8.41 0.07
CA LYS A 23 0.16 -9.04 1.41
C LYS A 23 1.01 -8.14 2.29
N TYR A 24 1.93 -7.41 1.72
CA TYR A 24 2.79 -6.52 2.55
C TYR A 24 2.29 -5.08 2.48
N MET A 25 1.51 -4.75 1.49
CA MET A 25 0.99 -3.36 1.40
C MET A 25 -0.19 -3.21 2.36
N GLY A 26 -1.03 -4.21 2.41
CA GLY A 26 -2.20 -4.14 3.33
C GLY A 26 -1.71 -4.01 4.76
N HIS A 27 -0.53 -4.48 5.04
CA HIS A 27 0.02 -4.40 6.41
C HIS A 27 0.79 -3.08 6.57
N TYR A 28 1.08 -2.42 5.48
CA TYR A 28 1.83 -1.14 5.56
C TYR A 28 1.05 -0.02 4.90
N CYS A 29 0.58 -0.24 3.69
CA CYS A 29 -0.17 0.84 3.00
C CYS A 29 -1.65 0.46 2.91
N LYS A 30 -2.49 1.17 3.61
CA LYS A 30 -3.95 0.88 3.56
C LYS A 30 -4.58 1.72 2.44
N LYS A 31 -4.35 3.00 2.45
CA LYS A 31 -4.93 3.88 1.40
C LYS A 31 -4.34 3.50 0.05
N ALA A 32 -3.07 3.28 0.01
CA ALA A 32 -2.40 2.92 -1.27
C ALA A 32 -2.96 1.59 -1.79
N CYS A 33 -3.58 0.83 -0.93
CA CYS A 33 -4.16 -0.46 -1.36
C CYS A 33 -5.70 -0.35 -1.40
N GLY A 34 -6.36 -1.39 -1.82
CA GLY A 34 -7.85 -1.35 -1.90
C GLY A 34 -8.44 -1.25 -0.49
N LEU A 35 -7.60 -1.15 0.50
CA LEU A 35 -8.13 -1.04 1.90
C LEU A 35 -8.74 0.34 2.09
N CYS A 36 -8.22 1.34 1.43
CA CYS A 36 -8.79 2.71 1.61
C CYS A 36 -8.34 3.60 0.44
N VAL A 1 -8.43 3.27 12.12
CA VAL A 1 -7.86 4.29 11.22
C VAL A 1 -7.05 3.61 10.10
N CYS A 2 -6.96 4.22 8.95
CA CYS A 2 -6.20 3.61 7.83
C CYS A 2 -5.28 4.66 7.20
N GLU A 3 -4.02 4.36 7.08
CA GLU A 3 -3.08 5.35 6.47
C GLU A 3 -1.80 4.63 6.04
N ASP A 4 -1.07 5.20 5.14
CA ASP A 4 0.19 4.54 4.69
C ASP A 4 1.24 4.55 5.80
N LEU A 5 1.73 3.39 6.15
CA LEU A 5 2.76 3.31 7.23
C LEU A 5 4.10 3.79 6.68
N ASN A 6 4.38 3.47 5.44
CA ASN A 6 5.68 3.89 4.83
C ASN A 6 5.46 5.07 3.89
N ALA A 7 6.35 6.02 3.88
CA ALA A 7 6.19 7.19 2.97
C ALA A 7 6.42 6.75 1.53
N HIS A 8 7.04 5.60 1.35
CA HIS A 8 7.30 5.11 -0.03
C HIS A 8 6.09 4.31 -0.52
N CYS A 9 5.07 4.24 0.29
CA CYS A 9 3.85 3.47 -0.12
C CYS A 9 3.43 3.89 -1.53
N GLU A 10 3.37 5.16 -1.79
CA GLU A 10 2.99 5.61 -3.16
C GLU A 10 4.02 5.08 -4.16
N MET A 11 5.26 5.07 -3.76
CA MET A 11 6.33 4.57 -4.66
C MET A 11 6.10 3.09 -4.97
N TRP A 12 5.56 2.36 -4.03
CA TRP A 12 5.33 0.90 -4.24
C TRP A 12 3.97 0.66 -4.91
N GLN A 13 2.95 1.36 -4.49
CA GLN A 13 1.61 1.15 -5.10
C GLN A 13 1.61 1.65 -6.53
N GLN A 14 2.34 2.70 -6.80
CA GLN A 14 2.39 3.25 -8.18
C GLN A 14 3.03 2.19 -9.09
N LEU A 15 3.87 1.37 -8.54
CA LEU A 15 4.53 0.30 -9.35
C LEU A 15 3.63 -0.93 -9.33
N GLY A 16 2.59 -0.90 -8.54
CA GLY A 16 1.65 -2.07 -8.49
C GLY A 16 2.01 -3.01 -7.34
N HIS A 17 2.88 -2.59 -6.45
CA HIS A 17 3.23 -3.49 -5.31
C HIS A 17 1.96 -4.00 -4.64
N CYS A 18 0.91 -3.22 -4.67
CA CYS A 18 -0.36 -3.67 -4.04
C CYS A 18 -1.00 -4.70 -4.96
N GLN A 19 -0.94 -4.46 -6.23
CA GLN A 19 -1.53 -5.42 -7.21
C GLN A 19 -0.67 -6.69 -7.25
N TYR A 20 0.62 -6.53 -7.14
CA TYR A 20 1.53 -7.71 -7.18
C TYR A 20 1.71 -8.31 -5.78
N SER A 21 1.99 -7.50 -4.80
CA SER A 21 2.19 -8.05 -3.42
C SER A 21 1.38 -7.27 -2.39
N PRO A 22 0.08 -7.39 -2.43
CA PRO A 22 -0.82 -6.70 -1.46
C PRO A 22 -0.69 -7.31 -0.06
N LYS A 23 -0.11 -8.47 0.04
CA LYS A 23 0.06 -9.13 1.36
C LYS A 23 0.85 -8.23 2.30
N TYR A 24 1.76 -7.44 1.79
CA TYR A 24 2.55 -6.55 2.68
C TYR A 24 2.08 -5.10 2.56
N MET A 25 1.42 -4.76 1.49
CA MET A 25 0.94 -3.36 1.35
C MET A 25 -0.27 -3.16 2.26
N GLY A 26 -1.16 -4.12 2.29
CA GLY A 26 -2.36 -3.99 3.16
C GLY A 26 -1.90 -3.85 4.61
N HIS A 27 -0.74 -4.37 4.92
CA HIS A 27 -0.24 -4.29 6.31
C HIS A 27 0.57 -3.00 6.47
N TYR A 28 0.95 -2.38 5.38
CA TYR A 28 1.75 -1.13 5.48
C TYR A 28 0.99 0.00 4.80
N CYS A 29 0.59 -0.19 3.58
CA CYS A 29 -0.14 0.90 2.87
C CYS A 29 -1.63 0.55 2.79
N LYS A 30 -2.45 1.27 3.50
CA LYS A 30 -3.92 0.99 3.45
C LYS A 30 -4.55 1.79 2.31
N LYS A 31 -4.36 3.08 2.30
CA LYS A 31 -4.94 3.92 1.21
C LYS A 31 -4.36 3.49 -0.13
N ALA A 32 -3.06 3.35 -0.16
CA ALA A 32 -2.40 2.96 -1.43
C ALA A 32 -2.99 1.63 -1.92
N CYS A 33 -3.58 0.88 -1.04
CA CYS A 33 -4.18 -0.42 -1.45
C CYS A 33 -5.71 -0.27 -1.46
N GLY A 34 -6.41 -1.35 -1.72
CA GLY A 34 -7.89 -1.26 -1.75
C GLY A 34 -8.45 -1.19 -0.33
N LEU A 35 -7.60 -1.02 0.64
CA LEU A 35 -8.10 -0.95 2.05
C LEU A 35 -8.78 0.41 2.27
N CYS A 36 -8.27 1.44 1.65
CA CYS A 36 -8.87 2.78 1.83
C CYS A 36 -8.83 3.53 0.49
N VAL A 1 -7.85 4.20 11.88
CA VAL A 1 -8.22 4.60 10.50
C VAL A 1 -7.23 4.01 9.51
N CYS A 2 -7.40 4.29 8.25
CA CYS A 2 -6.46 3.73 7.23
C CYS A 2 -5.50 4.82 6.77
N GLU A 3 -4.23 4.52 6.72
CA GLU A 3 -3.25 5.53 6.26
C GLU A 3 -1.94 4.85 5.88
N ASP A 4 -1.18 5.43 5.01
CA ASP A 4 0.11 4.81 4.61
C ASP A 4 1.05 4.74 5.81
N LEU A 5 1.76 3.66 5.94
CA LEU A 5 2.70 3.53 7.09
C LEU A 5 4.13 3.76 6.61
N ASN A 6 4.39 3.49 5.35
CA ASN A 6 5.76 3.71 4.82
C ASN A 6 5.75 4.96 3.94
N ALA A 7 6.81 5.72 3.95
CA ALA A 7 6.85 6.95 3.11
C ALA A 7 6.92 6.52 1.63
N HIS A 8 7.30 5.31 1.38
CA HIS A 8 7.39 4.82 -0.03
C HIS A 8 6.09 4.12 -0.42
N CYS A 9 5.06 4.25 0.37
CA CYS A 9 3.78 3.58 0.03
C CYS A 9 3.34 3.97 -1.39
N GLU A 10 3.34 5.24 -1.69
CA GLU A 10 2.93 5.67 -3.06
C GLU A 10 3.89 5.07 -4.08
N MET A 11 5.15 5.06 -3.77
CA MET A 11 6.15 4.47 -4.70
C MET A 11 5.84 2.99 -4.91
N TRP A 12 5.47 2.31 -3.87
CA TRP A 12 5.18 0.86 -4.01
C TRP A 12 3.83 0.65 -4.70
N GLN A 13 2.84 1.41 -4.35
CA GLN A 13 1.52 1.23 -5.00
C GLN A 13 1.60 1.67 -6.46
N GLN A 14 2.37 2.69 -6.75
CA GLN A 14 2.49 3.14 -8.16
C GLN A 14 3.22 2.07 -8.95
N LEU A 15 4.11 1.34 -8.31
CA LEU A 15 4.83 0.24 -9.03
C LEU A 15 3.91 -0.98 -9.11
N GLY A 16 2.78 -0.93 -8.47
CA GLY A 16 1.83 -2.08 -8.51
C GLY A 16 2.10 -3.04 -7.34
N HIS A 17 2.76 -2.60 -6.30
CA HIS A 17 3.02 -3.52 -5.15
C HIS A 17 1.69 -4.02 -4.60
N CYS A 18 0.65 -3.23 -4.70
CA CYS A 18 -0.66 -3.71 -4.18
C CYS A 18 -1.24 -4.69 -5.18
N GLN A 19 -1.09 -4.39 -6.44
CA GLN A 19 -1.60 -5.30 -7.49
C GLN A 19 -0.75 -6.57 -7.49
N TYR A 20 0.51 -6.43 -7.16
CA TYR A 20 1.42 -7.61 -7.15
C TYR A 20 1.64 -8.12 -5.73
N SER A 21 1.92 -7.25 -4.79
CA SER A 21 2.15 -7.73 -3.40
C SER A 21 1.21 -7.01 -2.41
N PRO A 22 -0.05 -7.31 -2.50
CA PRO A 22 -1.06 -6.72 -1.58
C PRO A 22 -0.90 -7.25 -0.16
N LYS A 23 -0.31 -8.41 -0.04
CA LYS A 23 -0.11 -9.03 1.30
C LYS A 23 0.80 -8.15 2.16
N TYR A 24 1.74 -7.45 1.57
CA TYR A 24 2.64 -6.60 2.40
C TYR A 24 2.22 -5.14 2.30
N MET A 25 1.50 -4.77 1.27
CA MET A 25 1.06 -3.36 1.16
C MET A 25 -0.09 -3.13 2.14
N GLY A 26 -0.95 -4.10 2.28
CA GLY A 26 -2.10 -3.97 3.22
C GLY A 26 -1.57 -3.84 4.64
N HIS A 27 -0.40 -4.34 4.89
CA HIS A 27 0.17 -4.25 6.27
C HIS A 27 0.91 -2.92 6.44
N TYR A 28 1.11 -2.21 5.37
CA TYR A 28 1.83 -0.91 5.47
C TYR A 28 1.02 0.19 4.79
N CYS A 29 0.54 -0.05 3.61
CA CYS A 29 -0.24 1.01 2.91
C CYS A 29 -1.72 0.61 2.85
N LYS A 30 -2.57 1.32 3.54
CA LYS A 30 -4.01 0.97 3.50
C LYS A 30 -4.68 1.71 2.35
N LYS A 31 -4.52 3.01 2.32
CA LYS A 31 -5.14 3.81 1.23
C LYS A 31 -4.52 3.42 -0.11
N ALA A 32 -3.22 3.36 -0.15
CA ALA A 32 -2.54 2.99 -1.42
C ALA A 32 -3.03 1.62 -1.87
N CYS A 33 -3.55 0.84 -0.96
CA CYS A 33 -4.05 -0.50 -1.34
C CYS A 33 -5.58 -0.49 -1.32
N GLY A 34 -6.19 -1.63 -1.53
CA GLY A 34 -7.68 -1.68 -1.53
C GLY A 34 -8.21 -1.68 -0.10
N LEU A 35 -7.47 -1.12 0.84
CA LEU A 35 -7.98 -1.12 2.24
C LEU A 35 -8.69 0.20 2.51
N CYS A 36 -8.32 1.23 1.79
CA CYS A 36 -8.98 2.54 2.00
C CYS A 36 -8.63 3.49 0.84
N VAL A 1 -9.12 3.07 10.69
CA VAL A 1 -8.12 4.11 10.32
C VAL A 1 -7.14 3.56 9.29
N CYS A 2 -7.27 3.98 8.06
CA CYS A 2 -6.35 3.48 7.00
C CYS A 2 -5.33 4.56 6.70
N GLU A 3 -4.07 4.20 6.65
CA GLU A 3 -3.02 5.22 6.35
C GLU A 3 -1.75 4.53 5.86
N ASP A 4 -0.89 5.24 5.19
CA ASP A 4 0.35 4.61 4.68
C ASP A 4 1.39 4.53 5.81
N LEU A 5 1.84 3.34 6.12
CA LEU A 5 2.85 3.17 7.18
C LEU A 5 4.23 3.52 6.62
N ASN A 6 4.43 3.27 5.35
CA ASN A 6 5.75 3.57 4.74
C ASN A 6 5.65 4.86 3.90
N ALA A 7 6.66 5.68 3.92
CA ALA A 7 6.62 6.93 3.11
C ALA A 7 6.72 6.58 1.64
N HIS A 8 7.13 5.38 1.33
CA HIS A 8 7.27 4.97 -0.10
C HIS A 8 6.01 4.23 -0.55
N CYS A 9 4.99 4.23 0.27
CA CYS A 9 3.74 3.52 -0.13
C CYS A 9 3.30 3.95 -1.53
N GLU A 10 3.26 5.23 -1.78
CA GLU A 10 2.84 5.70 -3.14
C GLU A 10 3.85 5.18 -4.17
N MET A 11 5.11 5.20 -3.82
CA MET A 11 6.16 4.70 -4.76
C MET A 11 5.92 3.22 -5.07
N TRP A 12 5.43 2.49 -4.10
CA TRP A 12 5.19 1.03 -4.31
C TRP A 12 3.82 0.80 -4.97
N GLN A 13 2.80 1.46 -4.50
CA GLN A 13 1.44 1.25 -5.09
C GLN A 13 1.47 1.73 -6.54
N GLN A 14 2.17 2.79 -6.82
CA GLN A 14 2.23 3.29 -8.21
C GLN A 14 2.94 2.24 -9.06
N LEU A 15 3.77 1.44 -8.45
CA LEU A 15 4.49 0.38 -9.20
C LEU A 15 3.62 -0.87 -9.25
N GLY A 16 2.57 -0.91 -8.46
CA GLY A 16 1.67 -2.10 -8.48
C GLY A 16 1.99 -3.03 -7.32
N HIS A 17 2.77 -2.57 -6.37
CA HIS A 17 3.10 -3.45 -5.21
C HIS A 17 1.81 -3.91 -4.53
N CYS A 18 0.77 -3.14 -4.62
CA CYS A 18 -0.51 -3.56 -4.00
C CYS A 18 -1.13 -4.64 -4.87
N GLN A 19 -1.04 -4.47 -6.16
CA GLN A 19 -1.59 -5.48 -7.09
C GLN A 19 -0.68 -6.71 -7.10
N TYR A 20 0.59 -6.50 -6.90
CA TYR A 20 1.54 -7.64 -6.92
C TYR A 20 1.89 -8.07 -5.49
N SER A 21 1.97 -7.15 -4.57
CA SER A 21 2.31 -7.54 -3.17
C SER A 21 1.32 -6.91 -2.19
N PRO A 22 0.09 -7.36 -2.21
CA PRO A 22 -0.95 -6.86 -1.29
C PRO A 22 -0.76 -7.42 0.12
N LYS A 23 -0.08 -8.52 0.22
CA LYS A 23 0.15 -9.16 1.54
C LYS A 23 0.91 -8.20 2.47
N TYR A 24 1.80 -7.40 1.94
CA TYR A 24 2.57 -6.47 2.83
C TYR A 24 2.09 -5.04 2.61
N MET A 25 1.49 -4.74 1.49
CA MET A 25 0.99 -3.36 1.28
C MET A 25 -0.22 -3.15 2.18
N GLY A 26 -1.10 -4.12 2.23
CA GLY A 26 -2.29 -3.98 3.11
C GLY A 26 -1.82 -3.86 4.56
N HIS A 27 -0.69 -4.43 4.86
CA HIS A 27 -0.17 -4.36 6.25
C HIS A 27 0.65 -3.09 6.42
N TYR A 28 1.01 -2.43 5.35
CA TYR A 28 1.81 -1.19 5.45
C TYR A 28 1.07 -0.02 4.81
N CYS A 29 0.57 -0.21 3.63
CA CYS A 29 -0.15 0.89 2.96
C CYS A 29 -1.63 0.55 2.87
N LYS A 30 -2.47 1.25 3.59
CA LYS A 30 -3.92 0.96 3.52
C LYS A 30 -4.57 1.77 2.39
N LYS A 31 -4.37 3.07 2.40
CA LYS A 31 -4.95 3.92 1.33
C LYS A 31 -4.35 3.55 -0.01
N ALA A 32 -3.06 3.39 -0.05
CA ALA A 32 -2.39 3.03 -1.32
C ALA A 32 -2.94 1.69 -1.82
N CYS A 33 -3.56 0.93 -0.95
CA CYS A 33 -4.13 -0.38 -1.38
C CYS A 33 -5.66 -0.26 -1.40
N GLY A 34 -6.32 -1.30 -1.86
CA GLY A 34 -7.81 -1.26 -1.93
C GLY A 34 -8.40 -1.21 -0.53
N LEU A 35 -7.57 -1.08 0.47
CA LEU A 35 -8.11 -1.02 1.86
C LEU A 35 -8.74 0.35 2.07
N CYS A 36 -8.21 1.37 1.45
CA CYS A 36 -8.80 2.73 1.63
C CYS A 36 -8.36 3.64 0.49
N VAL A 1 -8.29 3.61 11.67
CA VAL A 1 -8.15 4.53 10.51
C VAL A 1 -7.19 3.92 9.48
N CYS A 2 -7.32 4.28 8.24
CA CYS A 2 -6.42 3.73 7.20
C CYS A 2 -5.41 4.80 6.78
N GLU A 3 -4.15 4.46 6.74
CA GLU A 3 -3.13 5.45 6.33
C GLU A 3 -1.84 4.74 5.95
N ASP A 4 -1.04 5.37 5.13
CA ASP A 4 0.23 4.73 4.70
C ASP A 4 1.18 4.60 5.90
N LEU A 5 1.93 3.55 5.95
CA LEU A 5 2.88 3.36 7.08
C LEU A 5 4.31 3.66 6.60
N ASN A 6 4.59 3.35 5.37
CA ASN A 6 5.96 3.63 4.82
C ASN A 6 5.91 4.86 3.92
N ALA A 7 6.94 5.66 3.92
CA ALA A 7 6.94 6.87 3.05
C ALA A 7 6.90 6.46 1.58
N HIS A 8 7.38 5.28 1.26
CA HIS A 8 7.37 4.82 -0.16
C HIS A 8 6.08 4.06 -0.45
N CYS A 9 5.13 4.13 0.45
CA CYS A 9 3.84 3.41 0.22
C CYS A 9 3.27 3.79 -1.14
N GLU A 10 3.12 5.05 -1.39
CA GLU A 10 2.56 5.50 -2.69
C GLU A 10 3.49 5.05 -3.81
N MET A 11 4.77 5.12 -3.60
CA MET A 11 5.72 4.69 -4.66
C MET A 11 5.51 3.20 -4.96
N TRP A 12 5.27 2.42 -3.94
CA TRP A 12 5.07 0.97 -4.14
C TRP A 12 3.72 0.71 -4.83
N GLN A 13 2.69 1.40 -4.44
CA GLN A 13 1.37 1.18 -5.06
C GLN A 13 1.41 1.62 -6.52
N GLN A 14 2.11 2.68 -6.81
CA GLN A 14 2.20 3.13 -8.22
C GLN A 14 2.98 2.08 -9.02
N LEU A 15 3.91 1.42 -8.39
CA LEU A 15 4.67 0.37 -9.09
C LEU A 15 3.82 -0.91 -9.15
N GLY A 16 2.70 -0.91 -8.49
CA GLY A 16 1.81 -2.12 -8.52
C GLY A 16 2.12 -3.06 -7.35
N HIS A 17 2.82 -2.60 -6.35
CA HIS A 17 3.12 -3.49 -5.19
C HIS A 17 1.82 -4.02 -4.60
N CYS A 18 0.76 -3.28 -4.71
CA CYS A 18 -0.54 -3.76 -4.16
C CYS A 18 -1.08 -4.83 -5.11
N GLN A 19 -0.96 -4.59 -6.38
CA GLN A 19 -1.43 -5.58 -7.38
C GLN A 19 -0.50 -6.79 -7.34
N TYR A 20 0.75 -6.56 -7.08
CA TYR A 20 1.74 -7.69 -7.05
C TYR A 20 2.00 -8.14 -5.61
N SER A 21 2.12 -7.21 -4.69
CA SER A 21 2.40 -7.62 -3.27
C SER A 21 1.40 -6.96 -2.31
N PRO A 22 0.17 -7.37 -2.38
CA PRO A 22 -0.90 -6.83 -1.47
C PRO A 22 -0.74 -7.37 -0.06
N LYS A 23 -0.07 -8.48 0.08
CA LYS A 23 0.13 -9.09 1.43
C LYS A 23 0.88 -8.13 2.33
N TYR A 24 1.81 -7.37 1.81
CA TYR A 24 2.57 -6.43 2.68
C TYR A 24 2.09 -5.00 2.46
N MET A 25 1.49 -4.71 1.34
CA MET A 25 0.99 -3.31 1.14
C MET A 25 -0.22 -3.11 2.06
N GLY A 26 -1.10 -4.08 2.11
CA GLY A 26 -2.29 -3.95 2.98
C GLY A 26 -1.84 -3.83 4.44
N HIS A 27 -0.66 -4.32 4.74
CA HIS A 27 -0.16 -4.23 6.13
C HIS A 27 0.64 -2.94 6.31
N TYR A 28 1.03 -2.31 5.24
CA TYR A 28 1.81 -1.05 5.36
C TYR A 28 1.05 0.09 4.71
N CYS A 29 0.51 -0.14 3.54
CA CYS A 29 -0.24 0.94 2.86
C CYS A 29 -1.72 0.56 2.79
N LYS A 30 -2.55 1.27 3.50
CA LYS A 30 -4.00 0.96 3.47
C LYS A 30 -4.66 1.76 2.33
N LYS A 31 -4.45 3.05 2.32
CA LYS A 31 -5.03 3.90 1.26
C LYS A 31 -4.42 3.52 -0.09
N ALA A 32 -3.13 3.40 -0.14
CA ALA A 32 -2.45 3.04 -1.40
C ALA A 32 -2.97 1.69 -1.89
N CYS A 33 -3.55 0.90 -1.02
CA CYS A 33 -4.10 -0.41 -1.44
C CYS A 33 -5.62 -0.33 -1.43
N GLY A 34 -6.28 -1.43 -1.67
CA GLY A 34 -7.76 -1.41 -1.68
C GLY A 34 -8.30 -1.42 -0.25
N LEU A 35 -7.56 -0.91 0.70
CA LEU A 35 -8.09 -0.91 2.10
C LEU A 35 -8.72 0.44 2.38
N CYS A 36 -8.34 1.46 1.67
CA CYS A 36 -8.93 2.80 1.91
C CYS A 36 -8.55 3.75 0.78
N VAL A 1 -9.25 2.79 10.41
CA VAL A 1 -8.12 3.75 10.29
C VAL A 1 -7.16 3.28 9.19
N CYS A 2 -7.25 3.85 8.02
CA CYS A 2 -6.33 3.43 6.92
C CYS A 2 -5.31 4.55 6.66
N GLU A 3 -4.07 4.20 6.56
CA GLU A 3 -3.03 5.24 6.31
C GLU A 3 -1.76 4.59 5.79
N ASP A 4 -0.90 5.33 5.17
CA ASP A 4 0.36 4.73 4.66
C ASP A 4 1.38 4.67 5.79
N LEU A 5 1.85 3.49 6.11
CA LEU A 5 2.86 3.35 7.19
C LEU A 5 4.25 3.66 6.63
N ASN A 6 4.47 3.36 5.38
CA ASN A 6 5.80 3.64 4.77
C ASN A 6 5.72 4.89 3.88
N ALA A 7 6.73 5.71 3.93
CA ALA A 7 6.71 6.94 3.08
C ALA A 7 6.80 6.54 1.61
N HIS A 8 7.26 5.34 1.34
CA HIS A 8 7.38 4.90 -0.07
C HIS A 8 6.09 4.20 -0.50
N CYS A 9 5.06 4.27 0.30
CA CYS A 9 3.79 3.59 -0.08
C CYS A 9 3.37 4.04 -1.48
N GLU A 10 3.43 5.30 -1.77
CA GLU A 10 3.04 5.77 -3.12
C GLU A 10 4.03 5.22 -4.14
N MET A 11 5.29 5.19 -3.78
CA MET A 11 6.33 4.65 -4.72
C MET A 11 6.06 3.18 -5.03
N TRP A 12 5.50 2.47 -4.09
CA TRP A 12 5.23 1.02 -4.30
C TRP A 12 3.86 0.82 -4.97
N GLN A 13 2.85 1.49 -4.48
CA GLN A 13 1.51 1.33 -5.09
C GLN A 13 1.55 1.80 -6.53
N GLN A 14 2.28 2.84 -6.79
CA GLN A 14 2.38 3.35 -8.18
C GLN A 14 3.05 2.27 -9.05
N LEU A 15 3.89 1.46 -8.45
CA LEU A 15 4.55 0.38 -9.23
C LEU A 15 3.64 -0.86 -9.25
N GLY A 16 2.61 -0.87 -8.44
CA GLY A 16 1.67 -2.03 -8.44
C GLY A 16 1.98 -2.99 -7.30
N HIS A 17 2.77 -2.58 -6.34
CA HIS A 17 3.09 -3.48 -5.21
C HIS A 17 1.78 -3.95 -4.54
N CYS A 18 0.74 -3.18 -4.65
CA CYS A 18 -0.55 -3.61 -4.04
C CYS A 18 -1.19 -4.65 -4.95
N GLN A 19 -1.09 -4.44 -6.23
CA GLN A 19 -1.66 -5.41 -7.20
C GLN A 19 -0.79 -6.67 -7.19
N TYR A 20 0.49 -6.50 -6.97
CA TYR A 20 1.42 -7.66 -6.97
C TYR A 20 1.72 -8.11 -5.54
N SER A 21 1.85 -7.19 -4.62
CA SER A 21 2.15 -7.58 -3.21
C SER A 21 1.19 -6.90 -2.23
N PRO A 22 -0.06 -7.28 -2.25
CA PRO A 22 -1.08 -6.72 -1.33
C PRO A 22 -0.91 -7.28 0.07
N LYS A 23 -0.26 -8.42 0.16
CA LYS A 23 -0.04 -9.07 1.49
C LYS A 23 0.74 -8.15 2.41
N TYR A 24 1.68 -7.40 1.90
CA TYR A 24 2.46 -6.50 2.80
C TYR A 24 2.03 -5.05 2.60
N MET A 25 1.45 -4.73 1.47
CA MET A 25 1.00 -3.33 1.27
C MET A 25 -0.18 -3.09 2.22
N GLY A 26 -1.08 -4.03 2.28
CA GLY A 26 -2.25 -3.88 3.19
C GLY A 26 -1.76 -3.79 4.63
N HIS A 27 -0.60 -4.33 4.89
CA HIS A 27 -0.06 -4.28 6.28
C HIS A 27 0.71 -2.97 6.47
N TYR A 28 1.06 -2.32 5.40
CA TYR A 28 1.82 -1.05 5.51
C TYR A 28 1.04 0.07 4.84
N CYS A 29 0.64 -0.12 3.62
CA CYS A 29 -0.13 0.95 2.93
C CYS A 29 -1.60 0.57 2.86
N LYS A 30 -2.43 1.27 3.59
CA LYS A 30 -3.89 0.95 3.56
C LYS A 30 -4.56 1.74 2.44
N LYS A 31 -4.38 3.04 2.43
CA LYS A 31 -5.01 3.88 1.37
C LYS A 31 -4.43 3.51 0.02
N ALA A 32 -3.14 3.30 -0.04
CA ALA A 32 -2.49 2.95 -1.34
C ALA A 32 -3.00 1.58 -1.83
N CYS A 33 -3.61 0.81 -0.96
CA CYS A 33 -4.13 -0.51 -1.40
C CYS A 33 -5.64 -0.45 -1.47
N GLY A 34 -6.29 -1.55 -1.74
CA GLY A 34 -7.78 -1.54 -1.84
C GLY A 34 -8.39 -1.47 -0.44
N LEU A 35 -7.58 -1.31 0.56
CA LEU A 35 -8.13 -1.22 1.94
C LEU A 35 -8.86 0.10 2.10
N CYS A 36 -8.33 1.16 1.54
CA CYS A 36 -8.99 2.48 1.66
C CYS A 36 -8.70 3.34 0.43
N VAL A 1 -7.87 5.23 11.82
CA VAL A 1 -8.16 5.54 10.39
C VAL A 1 -7.18 4.77 9.50
N CYS A 2 -7.33 4.86 8.21
CA CYS A 2 -6.42 4.12 7.30
C CYS A 2 -5.39 5.10 6.71
N GLU A 3 -4.15 4.73 6.70
CA GLU A 3 -3.12 5.64 6.12
C GLU A 3 -1.85 4.87 5.82
N ASP A 4 -1.04 5.38 4.95
CA ASP A 4 0.22 4.67 4.59
C ASP A 4 1.22 4.69 5.74
N LEU A 5 1.65 3.53 6.18
CA LEU A 5 2.64 3.47 7.28
C LEU A 5 4.02 3.89 6.77
N ASN A 6 4.35 3.52 5.57
CA ASN A 6 5.68 3.90 5.01
C ASN A 6 5.48 5.05 4.02
N ALA A 7 6.38 6.00 4.02
CA ALA A 7 6.26 7.13 3.06
C ALA A 7 6.54 6.64 1.64
N HIS A 8 7.04 5.44 1.51
CA HIS A 8 7.34 4.89 0.15
C HIS A 8 6.09 4.16 -0.37
N CYS A 9 5.04 4.13 0.39
CA CYS A 9 3.81 3.43 -0.08
C CYS A 9 3.46 3.87 -1.49
N GLU A 10 3.50 5.14 -1.76
CA GLU A 10 3.18 5.63 -3.12
C GLU A 10 4.21 5.06 -4.09
N MET A 11 5.43 4.97 -3.67
CA MET A 11 6.50 4.42 -4.56
C MET A 11 6.20 2.96 -4.88
N TRP A 12 5.64 2.24 -3.95
CA TRP A 12 5.33 0.80 -4.20
C TRP A 12 3.97 0.63 -4.86
N GLN A 13 2.99 1.37 -4.42
CA GLN A 13 1.63 1.22 -5.02
C GLN A 13 1.65 1.73 -6.46
N GLN A 14 2.43 2.73 -6.73
CA GLN A 14 2.50 3.27 -8.11
C GLN A 14 3.11 2.19 -9.00
N LEU A 15 3.96 1.36 -8.46
CA LEU A 15 4.56 0.27 -9.26
C LEU A 15 3.60 -0.91 -9.29
N GLY A 16 2.54 -0.85 -8.52
CA GLY A 16 1.54 -1.97 -8.51
C GLY A 16 1.84 -2.95 -7.38
N HIS A 17 2.72 -2.61 -6.47
CA HIS A 17 3.03 -3.55 -5.36
C HIS A 17 1.74 -4.03 -4.71
N CYS A 18 0.71 -3.24 -4.75
CA CYS A 18 -0.57 -3.67 -4.16
C CYS A 18 -1.22 -4.65 -5.13
N GLN A 19 -1.15 -4.36 -6.39
CA GLN A 19 -1.72 -5.26 -7.41
C GLN A 19 -0.88 -6.52 -7.50
N TYR A 20 0.39 -6.40 -7.22
CA TYR A 20 1.30 -7.58 -7.31
C TYR A 20 1.57 -8.16 -5.92
N SER A 21 1.90 -7.34 -4.96
CA SER A 21 2.21 -7.87 -3.61
C SER A 21 1.39 -7.12 -2.54
N PRO A 22 0.11 -7.33 -2.53
CA PRO A 22 -0.81 -6.70 -1.55
C PRO A 22 -0.66 -7.31 -0.14
N LYS A 23 -0.06 -8.48 -0.07
CA LYS A 23 0.12 -9.15 1.26
C LYS A 23 0.94 -8.26 2.19
N TYR A 24 1.86 -7.48 1.66
CA TYR A 24 2.69 -6.61 2.55
C TYR A 24 2.24 -5.17 2.44
N MET A 25 1.53 -4.83 1.40
CA MET A 25 1.07 -3.43 1.27
C MET A 25 -0.11 -3.21 2.22
N GLY A 26 -0.97 -4.17 2.32
CA GLY A 26 -2.14 -4.03 3.23
C GLY A 26 -1.66 -3.88 4.67
N HIS A 27 -0.49 -4.37 4.96
CA HIS A 27 0.03 -4.27 6.35
C HIS A 27 0.76 -2.95 6.53
N TYR A 28 1.03 -2.28 5.45
CA TYR A 28 1.76 -0.98 5.54
C TYR A 28 0.96 0.11 4.86
N CYS A 29 0.51 -0.13 3.66
CA CYS A 29 -0.27 0.92 2.95
C CYS A 29 -1.74 0.52 2.89
N LYS A 30 -2.58 1.24 3.56
CA LYS A 30 -4.04 0.92 3.53
C LYS A 30 -4.69 1.66 2.36
N LYS A 31 -4.50 2.96 2.29
CA LYS A 31 -5.09 3.75 1.18
C LYS A 31 -4.46 3.32 -0.14
N ALA A 32 -3.16 3.26 -0.18
CA ALA A 32 -2.46 2.87 -1.42
C ALA A 32 -2.97 1.51 -1.89
N CYS A 33 -3.51 0.74 -0.99
CA CYS A 33 -4.03 -0.59 -1.35
C CYS A 33 -5.56 -0.53 -1.35
N GLY A 34 -6.21 -1.65 -1.50
CA GLY A 34 -7.69 -1.64 -1.52
C GLY A 34 -8.24 -1.67 -0.08
N LEU A 35 -7.56 -1.07 0.85
CA LEU A 35 -8.07 -1.09 2.24
C LEU A 35 -8.75 0.24 2.55
N CYS A 36 -8.37 1.27 1.85
CA CYS A 36 -8.99 2.60 2.09
C CYS A 36 -8.62 3.53 0.94
N VAL A 1 -7.72 3.24 12.47
CA VAL A 1 -7.30 4.29 11.50
C VAL A 1 -6.43 3.66 10.41
N CYS A 2 -6.86 3.74 9.18
CA CYS A 2 -6.06 3.14 8.07
C CYS A 2 -5.33 4.26 7.32
N GLU A 3 -4.04 4.13 7.17
CA GLU A 3 -3.26 5.18 6.46
C GLU A 3 -1.89 4.63 6.06
N ASP A 4 -1.25 5.24 5.10
CA ASP A 4 0.07 4.75 4.64
C ASP A 4 1.05 4.67 5.82
N LEU A 5 1.87 3.65 5.86
CA LEU A 5 2.84 3.50 6.97
C LEU A 5 4.26 3.79 6.48
N ASN A 6 4.54 3.48 5.24
CA ASN A 6 5.91 3.73 4.71
C ASN A 6 5.89 4.99 3.82
N ALA A 7 6.92 5.79 3.87
CA ALA A 7 6.96 7.00 3.01
C ALA A 7 6.95 6.59 1.54
N HIS A 8 7.38 5.40 1.25
CA HIS A 8 7.40 4.93 -0.17
C HIS A 8 6.10 4.18 -0.48
N CYS A 9 5.12 4.30 0.37
CA CYS A 9 3.83 3.60 0.14
C CYS A 9 3.30 3.92 -1.25
N GLU A 10 3.14 5.18 -1.54
CA GLU A 10 2.62 5.57 -2.88
C GLU A 10 3.57 5.08 -3.98
N MET A 11 4.84 5.18 -3.76
CA MET A 11 5.81 4.71 -4.79
C MET A 11 5.61 3.21 -5.03
N TRP A 12 5.35 2.48 -3.99
CA TRP A 12 5.17 1.02 -4.14
C TRP A 12 3.83 0.71 -4.82
N GLN A 13 2.79 1.39 -4.45
CA GLN A 13 1.48 1.12 -5.08
C GLN A 13 1.54 1.55 -6.54
N GLN A 14 2.23 2.61 -6.83
CA GLN A 14 2.32 3.07 -8.25
C GLN A 14 3.11 2.03 -9.04
N LEU A 15 4.05 1.37 -8.40
CA LEU A 15 4.83 0.32 -9.11
C LEU A 15 3.99 -0.95 -9.18
N GLY A 16 2.87 -0.98 -8.51
CA GLY A 16 1.99 -2.18 -8.55
C GLY A 16 2.24 -3.09 -7.35
N HIS A 17 2.93 -2.60 -6.35
CA HIS A 17 3.19 -3.46 -5.16
C HIS A 17 1.87 -4.01 -4.61
N CYS A 18 0.80 -3.28 -4.77
CA CYS A 18 -0.52 -3.78 -4.27
C CYS A 18 -0.99 -4.86 -5.23
N GLN A 19 -0.79 -4.65 -6.49
CA GLN A 19 -1.20 -5.67 -7.49
C GLN A 19 -0.29 -6.89 -7.39
N TYR A 20 0.96 -6.66 -7.06
CA TYR A 20 1.93 -7.79 -6.96
C TYR A 20 2.03 -8.29 -5.52
N SER A 21 2.15 -7.41 -4.56
CA SER A 21 2.26 -7.87 -3.15
C SER A 21 1.29 -7.11 -2.23
N PRO A 22 0.02 -7.35 -2.40
CA PRO A 22 -1.03 -6.71 -1.55
C PRO A 22 -0.96 -7.23 -0.11
N LYS A 23 -0.40 -8.39 0.07
CA LYS A 23 -0.30 -8.99 1.43
C LYS A 23 0.49 -8.09 2.36
N TYR A 24 1.49 -7.39 1.86
CA TYR A 24 2.27 -6.51 2.77
C TYR A 24 1.89 -5.05 2.54
N MET A 25 1.35 -4.73 1.40
CA MET A 25 0.93 -3.33 1.16
C MET A 25 -0.25 -3.04 2.08
N GLY A 26 -1.16 -3.96 2.17
CA GLY A 26 -2.34 -3.76 3.06
C GLY A 26 -1.86 -3.64 4.49
N HIS A 27 -0.74 -4.24 4.80
CA HIS A 27 -0.21 -4.16 6.19
C HIS A 27 0.58 -2.87 6.36
N TYR A 28 0.95 -2.25 5.27
CA TYR A 28 1.75 -1.00 5.35
C TYR A 28 0.99 0.14 4.67
N CYS A 29 0.54 -0.08 3.47
CA CYS A 29 -0.21 1.00 2.78
C CYS A 29 -1.69 0.60 2.66
N LYS A 30 -2.55 1.29 3.35
CA LYS A 30 -4.00 0.97 3.28
C LYS A 30 -4.63 1.74 2.12
N LYS A 31 -4.48 3.04 2.14
CA LYS A 31 -5.05 3.88 1.06
C LYS A 31 -4.42 3.49 -0.26
N ALA A 32 -3.13 3.40 -0.28
CA ALA A 32 -2.43 3.04 -1.54
C ALA A 32 -2.96 1.70 -2.04
N CYS A 33 -3.55 0.92 -1.16
CA CYS A 33 -4.10 -0.39 -1.59
C CYS A 33 -5.62 -0.28 -1.60
N GLY A 34 -6.31 -1.36 -1.84
CA GLY A 34 -7.80 -1.29 -1.87
C GLY A 34 -8.36 -1.34 -0.45
N LEU A 35 -7.65 -0.84 0.52
CA LEU A 35 -8.17 -0.88 1.91
C LEU A 35 -8.94 0.40 2.22
N CYS A 36 -8.25 1.50 2.37
CA CYS A 36 -8.95 2.78 2.67
C CYS A 36 -8.68 3.78 1.56
N VAL A 1 -7.20 3.43 12.55
CA VAL A 1 -7.46 4.21 11.30
C VAL A 1 -6.64 3.62 10.15
N CYS A 2 -7.02 3.92 8.94
CA CYS A 2 -6.26 3.38 7.78
C CYS A 2 -5.39 4.49 7.17
N GLU A 3 -4.11 4.24 7.02
CA GLU A 3 -3.21 5.29 6.44
C GLU A 3 -1.89 4.66 5.99
N ASP A 4 -1.17 5.32 5.11
CA ASP A 4 0.12 4.76 4.64
C ASP A 4 1.10 4.63 5.82
N LEU A 5 1.82 3.54 5.89
CA LEU A 5 2.78 3.36 7.02
C LEU A 5 4.21 3.60 6.52
N ASN A 6 4.46 3.34 5.27
CA ASN A 6 5.83 3.55 4.73
C ASN A 6 5.85 4.82 3.86
N ALA A 7 6.91 5.57 3.92
CA ALA A 7 6.97 6.82 3.10
C ALA A 7 6.96 6.44 1.61
N HIS A 8 7.40 5.27 1.28
CA HIS A 8 7.41 4.84 -0.14
C HIS A 8 6.11 4.10 -0.46
N CYS A 9 5.14 4.21 0.41
CA CYS A 9 3.84 3.51 0.18
C CYS A 9 3.30 3.86 -1.20
N GLU A 10 3.13 5.11 -1.47
CA GLU A 10 2.59 5.53 -2.79
C GLU A 10 3.52 5.04 -3.90
N MET A 11 4.81 5.10 -3.70
CA MET A 11 5.74 4.64 -4.75
C MET A 11 5.52 3.15 -4.99
N TRP A 12 5.27 2.41 -3.96
CA TRP A 12 5.07 0.94 -4.12
C TRP A 12 3.74 0.65 -4.82
N GLN A 13 2.70 1.34 -4.46
CA GLN A 13 1.38 1.09 -5.10
C GLN A 13 1.45 1.54 -6.57
N GLN A 14 2.15 2.60 -6.84
CA GLN A 14 2.26 3.07 -8.23
C GLN A 14 3.05 2.04 -9.04
N LEU A 15 3.96 1.36 -8.38
CA LEU A 15 4.75 0.31 -9.09
C LEU A 15 3.91 -0.97 -9.16
N GLY A 16 2.77 -0.98 -8.52
CA GLY A 16 1.91 -2.21 -8.56
C GLY A 16 2.18 -3.10 -7.36
N HIS A 17 2.86 -2.62 -6.36
CA HIS A 17 3.15 -3.47 -5.16
C HIS A 17 1.82 -3.98 -4.58
N CYS A 18 0.76 -3.23 -4.72
CA CYS A 18 -0.54 -3.69 -4.17
C CYS A 18 -1.08 -4.78 -5.09
N GLN A 19 -0.94 -4.58 -6.36
CA GLN A 19 -1.41 -5.59 -7.34
C GLN A 19 -0.49 -6.81 -7.30
N TYR A 20 0.77 -6.59 -7.03
CA TYR A 20 1.74 -7.71 -6.99
C TYR A 20 1.98 -8.18 -5.55
N SER A 21 2.18 -7.28 -4.63
CA SER A 21 2.43 -7.69 -3.22
C SER A 21 1.44 -7.01 -2.28
N PRO A 22 0.18 -7.36 -2.38
CA PRO A 22 -0.86 -6.79 -1.49
C PRO A 22 -0.70 -7.28 -0.05
N LYS A 23 -0.04 -8.40 0.10
CA LYS A 23 0.15 -8.97 1.47
C LYS A 23 0.92 -7.98 2.36
N TYR A 24 1.83 -7.22 1.80
CA TYR A 24 2.59 -6.26 2.64
C TYR A 24 2.08 -4.85 2.42
N MET A 25 1.43 -4.58 1.32
CA MET A 25 0.90 -3.21 1.11
C MET A 25 -0.29 -3.02 2.05
N GLY A 26 -1.18 -3.97 2.07
CA GLY A 26 -2.38 -3.86 2.96
C GLY A 26 -1.91 -3.74 4.40
N HIS A 27 -0.76 -4.28 4.72
CA HIS A 27 -0.27 -4.21 6.11
C HIS A 27 0.52 -2.90 6.31
N TYR A 28 0.95 -2.29 5.24
CA TYR A 28 1.72 -1.02 5.38
C TYR A 28 0.97 0.11 4.71
N CYS A 29 0.51 -0.09 3.51
CA CYS A 29 -0.23 0.99 2.81
C CYS A 29 -1.70 0.60 2.71
N LYS A 30 -2.55 1.29 3.42
CA LYS A 30 -4.00 0.97 3.36
C LYS A 30 -4.65 1.76 2.23
N LYS A 31 -4.47 3.06 2.24
CA LYS A 31 -5.05 3.92 1.16
C LYS A 31 -4.44 3.52 -0.17
N ALA A 32 -3.13 3.43 -0.20
CA ALA A 32 -2.43 3.05 -1.46
C ALA A 32 -2.97 1.70 -1.93
N CYS A 33 -3.54 0.92 -1.04
CA CYS A 33 -4.10 -0.38 -1.44
C CYS A 33 -5.62 -0.29 -1.42
N GLY A 34 -6.30 -1.36 -1.69
CA GLY A 34 -7.78 -1.32 -1.70
C GLY A 34 -8.32 -1.35 -0.27
N LEU A 35 -7.57 -0.86 0.69
CA LEU A 35 -8.08 -0.86 2.09
C LEU A 35 -8.70 0.50 2.39
N CYS A 36 -8.27 1.51 1.70
CA CYS A 36 -8.82 2.87 1.95
C CYS A 36 -8.57 3.76 0.72
N VAL A 1 -8.80 3.41 11.87
CA VAL A 1 -7.91 4.40 11.20
C VAL A 1 -7.13 3.71 10.07
N CYS A 2 -7.11 4.31 8.90
CA CYS A 2 -6.37 3.68 7.77
C CYS A 2 -5.49 4.74 7.11
N GLU A 3 -4.22 4.49 6.97
CA GLU A 3 -3.34 5.51 6.33
C GLU A 3 -2.01 4.85 5.94
N ASP A 4 -1.29 5.44 5.02
CA ASP A 4 -0.01 4.83 4.60
C ASP A 4 0.93 4.73 5.80
N LEU A 5 1.68 3.67 5.90
CA LEU A 5 2.62 3.52 7.04
C LEU A 5 4.04 3.74 6.56
N ASN A 6 4.31 3.41 5.33
CA ASN A 6 5.69 3.62 4.81
C ASN A 6 5.71 4.86 3.92
N ALA A 7 6.76 5.64 4.00
CA ALA A 7 6.83 6.85 3.14
C ALA A 7 6.87 6.43 1.67
N HIS A 8 7.38 5.26 1.41
CA HIS A 8 7.46 4.76 0.01
C HIS A 8 6.16 4.05 -0.35
N CYS A 9 5.14 4.21 0.45
CA CYS A 9 3.86 3.53 0.16
C CYS A 9 3.43 3.83 -1.27
N GLU A 10 3.31 5.08 -1.61
CA GLU A 10 2.90 5.45 -2.99
C GLU A 10 3.96 4.98 -3.97
N MET A 11 5.20 5.00 -3.58
CA MET A 11 6.28 4.54 -4.49
C MET A 11 6.06 3.06 -4.82
N TRP A 12 5.50 2.32 -3.90
CA TRP A 12 5.27 0.87 -4.16
C TRP A 12 3.93 0.64 -4.87
N GLN A 13 2.89 1.32 -4.44
CA GLN A 13 1.57 1.12 -5.09
C GLN A 13 1.63 1.62 -6.52
N GLN A 14 2.38 2.66 -6.75
CA GLN A 14 2.49 3.20 -8.14
C GLN A 14 3.12 2.13 -9.03
N LEU A 15 3.98 1.32 -8.49
CA LEU A 15 4.61 0.24 -9.30
C LEU A 15 3.68 -0.97 -9.33
N GLY A 16 2.62 -0.92 -8.57
CA GLY A 16 1.64 -2.06 -8.55
C GLY A 16 1.92 -3.02 -7.39
N HIS A 17 2.72 -2.63 -6.44
CA HIS A 17 3.01 -3.55 -5.31
C HIS A 17 1.71 -4.08 -4.71
N CYS A 18 0.66 -3.30 -4.76
CA CYS A 18 -0.63 -3.77 -4.20
C CYS A 18 -1.22 -4.78 -5.17
N GLN A 19 -1.12 -4.49 -6.43
CA GLN A 19 -1.65 -5.42 -7.45
C GLN A 19 -0.75 -6.65 -7.50
N TYR A 20 0.51 -6.49 -7.22
CA TYR A 20 1.42 -7.66 -7.27
C TYR A 20 1.67 -8.20 -5.86
N SER A 21 1.98 -7.37 -4.92
CA SER A 21 2.26 -7.89 -3.53
C SER A 21 1.44 -7.12 -2.49
N PRO A 22 0.15 -7.32 -2.47
CA PRO A 22 -0.74 -6.66 -1.47
C PRO A 22 -0.55 -7.22 -0.06
N LYS A 23 0.08 -8.35 0.03
CA LYS A 23 0.30 -8.99 1.36
C LYS A 23 1.09 -8.04 2.27
N TYR A 24 1.98 -7.24 1.72
CA TYR A 24 2.77 -6.32 2.59
C TYR A 24 2.25 -4.88 2.45
N MET A 25 1.52 -4.60 1.40
CA MET A 25 0.99 -3.21 1.23
C MET A 25 -0.21 -3.03 2.16
N GLY A 26 -1.05 -4.02 2.23
CA GLY A 26 -2.24 -3.93 3.12
C GLY A 26 -1.77 -3.82 4.57
N HIS A 27 -0.59 -4.29 4.85
CA HIS A 27 -0.08 -4.22 6.25
C HIS A 27 0.69 -2.92 6.45
N TYR A 28 0.95 -2.20 5.38
CA TYR A 28 1.70 -0.92 5.51
C TYR A 28 0.92 0.19 4.81
N CYS A 29 0.49 -0.03 3.61
CA CYS A 29 -0.27 1.04 2.90
C CYS A 29 -1.74 0.63 2.81
N LYS A 30 -2.61 1.35 3.48
CA LYS A 30 -4.06 1.02 3.42
C LYS A 30 -4.70 1.77 2.24
N LYS A 31 -4.55 3.07 2.21
CA LYS A 31 -5.13 3.88 1.10
C LYS A 31 -4.50 3.44 -0.22
N ALA A 32 -3.20 3.35 -0.22
CA ALA A 32 -2.49 2.94 -1.46
C ALA A 32 -3.01 1.58 -1.91
N CYS A 33 -3.55 0.80 -1.00
CA CYS A 33 -4.08 -0.53 -1.38
C CYS A 33 -5.61 -0.49 -1.36
N GLY A 34 -6.26 -1.60 -1.57
CA GLY A 34 -7.74 -1.60 -1.57
C GLY A 34 -8.27 -1.60 -0.13
N LEU A 35 -7.54 -1.02 0.80
CA LEU A 35 -8.05 -1.00 2.21
C LEU A 35 -8.70 0.35 2.49
N CYS A 36 -8.31 1.36 1.76
CA CYS A 36 -8.89 2.71 1.98
C CYS A 36 -8.70 3.56 0.71
N VAL A 1 -7.27 4.13 11.89
CA VAL A 1 -7.97 4.14 10.58
C VAL A 1 -7.04 3.58 9.51
N CYS A 2 -7.20 4.03 8.29
CA CYS A 2 -6.32 3.52 7.20
C CYS A 2 -5.33 4.63 6.81
N GLU A 3 -4.06 4.34 6.80
CA GLU A 3 -3.08 5.38 6.39
C GLU A 3 -1.76 4.71 6.01
N ASP A 4 -1.03 5.33 5.14
CA ASP A 4 0.27 4.75 4.71
C ASP A 4 1.21 4.64 5.90
N LEU A 5 2.03 3.62 5.91
CA LEU A 5 2.99 3.44 7.04
C LEU A 5 4.39 3.77 6.57
N ASN A 6 4.69 3.45 5.34
CA ASN A 6 6.05 3.74 4.79
C ASN A 6 5.96 4.95 3.87
N ALA A 7 6.96 5.79 3.88
CA ALA A 7 6.94 6.99 3.00
C ALA A 7 6.93 6.55 1.54
N HIS A 8 7.40 5.36 1.26
CA HIS A 8 7.41 4.87 -0.14
C HIS A 8 6.10 4.13 -0.45
N CYS A 9 5.14 4.24 0.41
CA CYS A 9 3.85 3.55 0.19
C CYS A 9 3.32 3.90 -1.20
N GLU A 10 3.17 5.15 -1.48
CA GLU A 10 2.66 5.57 -2.81
C GLU A 10 3.61 5.06 -3.90
N MET A 11 4.88 5.10 -3.65
CA MET A 11 5.84 4.61 -4.68
C MET A 11 5.62 3.12 -4.91
N TRP A 12 5.38 2.37 -3.88
CA TRP A 12 5.16 0.90 -4.05
C TRP A 12 3.83 0.64 -4.75
N GLN A 13 2.80 1.35 -4.38
CA GLN A 13 1.48 1.13 -5.03
C GLN A 13 1.55 1.59 -6.48
N GLN A 14 2.28 2.62 -6.76
CA GLN A 14 2.39 3.10 -8.17
C GLN A 14 3.13 2.05 -8.97
N LEU A 15 4.04 1.34 -8.34
CA LEU A 15 4.78 0.28 -9.06
C LEU A 15 3.90 -0.97 -9.15
N GLY A 16 2.77 -0.96 -8.47
CA GLY A 16 1.86 -2.13 -8.51
C GLY A 16 2.12 -3.08 -7.34
N HIS A 17 2.78 -2.61 -6.30
CA HIS A 17 3.04 -3.50 -5.14
C HIS A 17 1.72 -4.00 -4.57
N CYS A 18 0.67 -3.24 -4.69
CA CYS A 18 -0.65 -3.70 -4.17
C CYS A 18 -1.18 -4.75 -5.14
N GLN A 19 -1.01 -4.50 -6.41
CA GLN A 19 -1.48 -5.47 -7.43
C GLN A 19 -0.59 -6.71 -7.36
N TYR A 20 0.66 -6.50 -7.07
CA TYR A 20 1.62 -7.64 -7.02
C TYR A 20 1.83 -8.12 -5.58
N SER A 21 2.10 -7.23 -4.67
CA SER A 21 2.33 -7.67 -3.26
C SER A 21 1.36 -6.98 -2.30
N PRO A 22 0.11 -7.34 -2.37
CA PRO A 22 -0.94 -6.78 -1.48
C PRO A 22 -0.78 -7.31 -0.06
N LYS A 23 -0.12 -8.44 0.08
CA LYS A 23 0.08 -9.06 1.41
C LYS A 23 0.85 -8.10 2.32
N TYR A 24 1.77 -7.34 1.78
CA TYR A 24 2.54 -6.42 2.65
C TYR A 24 2.06 -4.98 2.45
N MET A 25 1.43 -4.69 1.35
CA MET A 25 0.93 -3.30 1.15
C MET A 25 -0.27 -3.08 2.07
N GLY A 26 -1.16 -4.04 2.11
CA GLY A 26 -2.35 -3.90 2.99
C GLY A 26 -1.88 -3.76 4.44
N HIS A 27 -0.72 -4.28 4.74
CA HIS A 27 -0.20 -4.19 6.14
C HIS A 27 0.62 -2.91 6.30
N TYR A 28 1.01 -2.31 5.22
CA TYR A 28 1.82 -1.06 5.32
C TYR A 28 1.05 0.10 4.69
N CYS A 29 0.55 -0.10 3.51
CA CYS A 29 -0.21 1.00 2.86
C CYS A 29 -1.69 0.63 2.81
N LYS A 30 -2.51 1.33 3.54
CA LYS A 30 -3.97 1.04 3.53
C LYS A 30 -4.63 1.83 2.40
N LYS A 31 -4.43 3.11 2.37
CA LYS A 31 -5.03 3.95 1.29
C LYS A 31 -4.45 3.55 -0.06
N ALA A 32 -3.16 3.43 -0.12
CA ALA A 32 -2.49 3.07 -1.40
C ALA A 32 -3.02 1.71 -1.88
N CYS A 33 -3.62 0.94 -1.02
CA CYS A 33 -4.17 -0.37 -1.44
C CYS A 33 -5.69 -0.30 -1.48
N GLY A 34 -6.35 -1.39 -1.73
CA GLY A 34 -7.84 -1.36 -1.78
C GLY A 34 -8.42 -1.38 -0.38
N LEU A 35 -7.61 -1.19 0.63
CA LEU A 35 -8.14 -1.20 2.01
C LEU A 35 -8.94 0.08 2.27
N CYS A 36 -8.45 1.21 1.80
CA CYS A 36 -9.19 2.48 2.02
C CYS A 36 -8.95 3.41 0.83
#